data_3WQD
#
_entry.id   3WQD
#
_cell.length_a   157.834
_cell.length_b   157.834
_cell.length_c   158.217
_cell.angle_alpha   90.00
_cell.angle_beta   90.00
_cell.angle_gamma   90.00
#
_symmetry.space_group_name_H-M   'I 41 2 2'
#
loop_
_entity.id
_entity.type
_entity.pdbx_description
1 polymer 'D-threo-3-hydroxyaspartate dehydratase'
2 non-polymer "PYRIDOXAL-5'-PHOSPHATE"
3 non-polymer 'MAGNESIUM ION'
4 non-polymer '(3S)-3-hydroxy-D-aspartic acid'
5 water water
#
_entity_poly.entity_id   1
_entity_poly.type   'polypeptide(L)'
_entity_poly.pdbx_seq_one_letter_code
;GHHHHHHAMSMQDTLLTLDTPAAVIDLDRMQRNIARMQQRMDAQGVRLRPHVKTSKSVPVAAAQRAAGASGITVSTLKEA
EQFFAAGTTDILYAVSMAPHRLPQALQLRRRGCDLKLIVDSVAAAQAIAAFGREQGEAFEVWIEIDTDGHRSGVGADDTP
LLLAIGRTLHDGGMRLGGVLTHAGSSYELDTPEALQALAERERAGCVQAAEALRAAGLPCPVVSVGSTPTALAASRLDGV
TEVRAGVYVFFDLVMRNIGVCAAEDVALSVLATVIGHQADKGWAIVDAGWMAMSRDRGTARQKQDFGYGQVCDLQGRVMP
GFVLTGANQEHGILARADGAAEADIATRFPLGTRLRILPNHACATGAQFPAYQALAADGSVQTWERLHGW
;
_entity_poly.pdbx_strand_id   A,B
#
# COMPACT_ATOMS: atom_id res chain seq x y z
N GLN A 12 28.03 -0.51 14.16
CA GLN A 12 27.10 0.24 13.24
C GLN A 12 26.13 -0.66 12.41
N ASP A 13 24.92 -0.17 12.21
CA ASP A 13 23.94 -0.79 11.29
C ASP A 13 24.37 -0.48 9.86
N THR A 14 24.29 -1.46 8.97
CA THR A 14 24.76 -1.34 7.60
C THR A 14 23.78 -2.18 6.71
N LEU A 15 24.00 -2.15 5.41
CA LEU A 15 23.11 -2.97 4.53
C LEU A 15 23.26 -4.48 4.75
N LEU A 16 24.37 -4.92 5.40
CA LEU A 16 24.56 -6.35 5.71
C LEU A 16 23.84 -6.72 6.99
N THR A 17 23.59 -5.75 7.88
CA THR A 17 23.01 -6.13 9.21
C THR A 17 21.50 -5.88 9.31
N LEU A 18 20.96 -5.01 8.42
CA LEU A 18 19.51 -4.74 8.49
C LEU A 18 18.67 -5.99 8.27
N ASP A 19 17.48 -6.07 8.88
CA ASP A 19 16.58 -7.10 8.40
C ASP A 19 15.96 -6.57 7.07
N THR A 20 15.49 -7.53 6.29
CA THR A 20 14.85 -7.21 5.02
C THR A 20 13.40 -7.62 5.07
N PRO A 21 12.55 -6.98 4.28
CA PRO A 21 12.89 -5.86 3.40
C PRO A 21 13.05 -4.56 4.14
N ALA A 22 13.79 -3.60 3.53
CA ALA A 22 14.02 -2.28 4.17
C ALA A 22 14.02 -1.28 3.06
N ALA A 23 13.56 -0.06 3.37
CA ALA A 23 13.55 1.01 2.38
C ALA A 23 14.79 1.85 2.61
N VAL A 24 15.68 1.87 1.62
CA VAL A 24 17.01 2.52 1.78
C VAL A 24 17.03 3.78 0.97
N ILE A 25 17.38 4.88 1.63
CA ILE A 25 17.65 6.14 0.88
C ILE A 25 19.18 6.30 0.69
N ASP A 26 19.65 6.35 -0.55
CA ASP A 26 21.04 6.69 -0.77
C ASP A 26 21.19 8.20 -0.57
N LEU A 27 21.81 8.65 0.54
CA LEU A 27 21.80 10.12 0.86
C LEU A 27 22.53 10.89 -0.25
N ASP A 28 23.62 10.38 -0.84
CA ASP A 28 24.36 11.14 -1.87
C ASP A 28 23.39 11.35 -3.08
N ARG A 29 22.67 10.29 -3.47
CA ARG A 29 21.70 10.46 -4.57
C ARG A 29 20.56 11.41 -4.19
N MET A 30 20.05 11.32 -2.98
CA MET A 30 18.95 12.20 -2.60
C MET A 30 19.49 13.67 -2.64
N GLN A 31 20.69 13.93 -2.10
CA GLN A 31 21.19 15.31 -2.09
C GLN A 31 21.35 15.82 -3.56
N ARG A 32 21.82 14.95 -4.48
CA ARG A 32 21.97 15.39 -5.88
C ARG A 32 20.57 15.75 -6.44
N ASN A 33 19.54 14.95 -6.12
CA ASN A 33 18.20 15.25 -6.61
C ASN A 33 17.69 16.60 -6.02
N ILE A 34 17.88 16.79 -4.73
CA ILE A 34 17.46 18.03 -4.03
C ILE A 34 18.17 19.26 -4.68
N ALA A 35 19.48 19.16 -4.92
CA ALA A 35 20.26 20.30 -5.53
C ALA A 35 19.77 20.58 -6.94
N ARG A 36 19.52 19.49 -7.75
CA ARG A 36 19.10 19.65 -9.14
C ARG A 36 17.77 20.44 -9.21
N MET A 37 16.82 20.04 -8.40
CA MET A 37 15.52 20.69 -8.42
C MET A 37 15.60 22.16 -7.90
N GLN A 38 16.31 22.37 -6.79
CA GLN A 38 16.37 23.71 -6.24
C GLN A 38 17.10 24.61 -7.26
N GLN A 39 18.19 24.12 -7.89
CA GLN A 39 18.90 24.93 -8.83
C GLN A 39 18.03 25.32 -10.04
N ARG A 40 17.19 24.39 -10.50
CA ARG A 40 16.29 24.69 -11.60
C ARG A 40 15.28 25.75 -11.19
N MET A 41 14.77 25.70 -9.94
CA MET A 41 13.76 26.67 -9.54
C MET A 41 14.39 28.05 -9.36
N ASP A 42 15.61 28.05 -8.81
CA ASP A 42 16.34 29.31 -8.70
C ASP A 42 16.56 29.92 -10.09
N ALA A 43 16.91 29.10 -11.07
CA ALA A 43 17.10 29.59 -12.47
C ALA A 43 15.84 30.20 -13.09
N GLN A 44 14.68 29.68 -12.65
CA GLN A 44 13.33 30.14 -13.12
C GLN A 44 12.79 31.35 -12.34
N GLY A 45 13.49 31.73 -11.27
CA GLY A 45 13.02 32.79 -10.39
C GLY A 45 11.76 32.47 -9.58
N VAL A 46 11.58 31.20 -9.18
CA VAL A 46 10.37 30.84 -8.47
C VAL A 46 10.81 30.11 -7.16
N ARG A 47 9.95 30.18 -6.12
CA ARG A 47 10.09 29.42 -4.85
CA ARG A 47 10.21 29.42 -4.88
C ARG A 47 9.89 27.94 -5.15
N LEU A 48 10.52 27.08 -4.34
CA LEU A 48 10.19 25.63 -4.42
C LEU A 48 9.40 25.33 -3.12
N ARG A 49 8.20 24.77 -3.23
CA ARG A 49 7.41 24.37 -2.04
C ARG A 49 7.26 22.82 -2.21
N PRO A 50 8.26 22.08 -1.64
CA PRO A 50 8.24 20.62 -1.90
C PRO A 50 6.95 19.96 -1.38
N HIS A 51 6.55 18.93 -2.09
CA HIS A 51 5.42 18.12 -1.68
C HIS A 51 5.97 16.98 -0.84
N VAL A 52 5.76 17.04 0.48
CA VAL A 52 6.36 16.08 1.36
C VAL A 52 5.54 14.77 1.38
N LYS A 53 4.41 14.67 0.63
CA LYS A 53 3.67 13.40 0.71
C LYS A 53 4.54 12.24 0.18
N THR A 54 5.59 12.49 -0.57
CA THR A 54 6.42 11.43 -1.11
C THR A 54 7.16 10.72 0.05
N SER A 55 7.68 11.49 1.01
CA SER A 55 8.53 10.87 2.06
C SER A 55 7.82 10.85 3.40
N LYS A 56 7.02 11.92 3.73
CA LYS A 56 6.42 12.08 5.07
C LYS A 56 7.47 11.87 6.19
N SER A 57 8.70 12.43 5.94
CA SER A 57 9.77 12.16 6.91
C SER A 57 10.43 13.51 7.22
N VAL A 58 10.49 13.82 8.51
CA VAL A 58 11.02 15.12 8.94
C VAL A 58 12.44 15.37 8.40
N PRO A 59 13.40 14.38 8.49
CA PRO A 59 14.75 14.66 7.98
C PRO A 59 14.85 14.83 6.48
N VAL A 60 13.91 14.20 5.74
CA VAL A 60 13.99 14.40 4.30
C VAL A 60 13.57 15.87 3.97
N ALA A 61 12.47 16.29 4.59
CA ALA A 61 11.95 17.67 4.37
C ALA A 61 13.01 18.65 4.90
N ALA A 62 13.73 18.32 5.99
CA ALA A 62 14.73 19.25 6.51
C ALA A 62 15.85 19.40 5.47
N ALA A 63 16.20 18.33 4.77
CA ALA A 63 17.25 18.49 3.77
C ALA A 63 16.74 19.35 2.60
N GLN A 64 15.46 19.22 2.20
CA GLN A 64 14.88 20.09 1.17
C GLN A 64 14.93 21.54 1.65
N ARG A 65 14.52 21.79 2.90
CA ARG A 65 14.54 23.19 3.44
C ARG A 65 15.99 23.73 3.45
N ALA A 66 16.94 22.90 3.87
CA ALA A 66 18.34 23.39 3.95
C ALA A 66 18.86 23.83 2.59
N ALA A 67 18.42 23.15 1.53
CA ALA A 67 18.84 23.49 0.17
C ALA A 67 18.20 24.80 -0.40
N GLY A 68 17.19 25.30 0.30
CA GLY A 68 16.53 26.56 -0.13
C GLY A 68 15.01 26.47 -0.34
N ALA A 69 14.34 25.38 0.07
CA ALA A 69 12.92 25.28 -0.20
C ALA A 69 12.18 26.32 0.70
N SER A 70 10.94 26.73 0.27
CA SER A 70 10.10 27.73 1.02
C SER A 70 8.78 27.06 1.32
N GLY A 71 8.56 26.66 2.57
CA GLY A 71 7.36 26.00 3.01
C GLY A 71 7.23 24.59 2.42
N ILE A 72 6.11 23.92 2.69
CA ILE A 72 5.88 22.60 2.18
C ILE A 72 4.42 22.50 1.70
N THR A 73 4.17 21.47 0.92
CA THR A 73 2.84 21.05 0.54
C THR A 73 2.55 19.69 1.21
N VAL A 74 1.36 19.45 1.74
CA VAL A 74 1.02 18.20 2.40
C VAL A 74 -0.28 17.67 1.75
N SER A 75 -0.46 16.36 1.81
CA SER A 75 -1.62 15.68 1.24
C SER A 75 -2.69 15.30 2.25
N THR A 76 -2.42 15.51 3.53
CA THR A 76 -3.34 15.16 4.63
C THR A 76 -3.08 16.14 5.77
N LEU A 77 -4.06 16.32 6.63
CA LEU A 77 -3.83 17.11 7.88
C LEU A 77 -2.95 16.37 8.89
N LYS A 78 -2.84 15.03 8.76
CA LYS A 78 -1.89 14.31 9.65
C LYS A 78 -0.50 14.79 9.36
N GLU A 79 -0.15 14.96 8.06
CA GLU A 79 1.16 15.46 7.69
C GLU A 79 1.32 16.90 8.22
N ALA A 80 0.28 17.73 8.08
CA ALA A 80 0.38 19.08 8.64
C ALA A 80 0.69 18.99 10.15
N GLU A 81 -0.01 18.13 10.89
CA GLU A 81 0.27 17.99 12.32
C GLU A 81 1.76 17.60 12.60
N GLN A 82 2.25 16.64 11.80
CA GLN A 82 3.59 16.13 12.03
C GLN A 82 4.64 17.18 11.82
N PHE A 83 4.54 17.84 10.64
CA PHE A 83 5.50 18.82 10.27
C PHE A 83 5.44 20.11 11.13
N PHE A 84 4.22 20.50 11.51
CA PHE A 84 4.07 21.60 12.41
C PHE A 84 4.72 21.24 13.76
N ALA A 85 4.41 20.03 14.28
CA ALA A 85 4.99 19.59 15.63
C ALA A 85 6.46 19.65 15.55
N ALA A 86 7.05 19.52 14.31
CA ALA A 86 8.52 19.57 14.04
C ALA A 86 9.10 20.97 13.77
N GLY A 87 8.22 22.00 13.77
CA GLY A 87 8.66 23.34 13.64
C GLY A 87 8.43 23.95 12.28
N THR A 88 7.75 23.26 11.37
CA THR A 88 7.48 23.85 10.04
C THR A 88 6.06 24.52 10.05
N THR A 89 5.97 25.82 9.70
CA THR A 89 4.67 26.51 9.91
C THR A 89 4.04 26.92 8.61
N ASP A 90 4.81 26.95 7.50
CA ASP A 90 4.30 27.45 6.20
C ASP A 90 3.84 26.19 5.43
N ILE A 91 2.56 25.80 5.60
CA ILE A 91 2.05 24.49 5.14
C ILE A 91 0.84 24.71 4.23
N LEU A 92 0.87 24.14 3.01
CA LEU A 92 -0.28 24.16 2.08
C LEU A 92 -0.90 22.78 2.08
N TYR A 93 -2.21 22.64 2.42
CA TYR A 93 -2.87 21.32 2.37
C TYR A 93 -3.52 21.32 1.00
N ALA A 94 -2.89 20.63 0.04
CA ALA A 94 -3.27 20.77 -1.39
C ALA A 94 -4.23 19.64 -1.82
N VAL A 95 -5.35 19.44 -1.10
CA VAL A 95 -6.44 18.49 -1.42
C VAL A 95 -7.70 19.29 -1.14
N SER A 96 -8.65 19.30 -2.10
CA SER A 96 -9.89 19.99 -1.89
C SER A 96 -10.39 19.83 -0.50
N MET A 97 -10.68 20.99 0.16
CA MET A 97 -11.01 20.93 1.58
C MET A 97 -12.40 20.30 1.85
N ALA A 98 -12.48 19.30 2.73
CA ALA A 98 -13.70 18.75 3.20
C ALA A 98 -14.20 19.56 4.44
N PRO A 99 -15.45 20.05 4.37
CA PRO A 99 -15.93 20.92 5.47
C PRO A 99 -15.81 20.23 6.86
N HIS A 100 -15.98 18.89 6.92
CA HIS A 100 -15.91 18.23 8.22
C HIS A 100 -14.52 18.36 8.87
N ARG A 101 -13.45 18.59 8.07
CA ARG A 101 -12.13 18.78 8.65
C ARG A 101 -11.83 20.23 9.08
N LEU A 102 -12.83 21.12 8.98
CA LEU A 102 -12.58 22.53 9.35
C LEU A 102 -12.17 22.67 10.84
N PRO A 103 -12.83 21.95 11.79
CA PRO A 103 -12.30 22.07 13.18
C PRO A 103 -10.84 21.75 13.37
N GLN A 104 -10.34 20.74 12.64
CA GLN A 104 -8.92 20.31 12.67
CA GLN A 104 -8.91 20.42 12.80
C GLN A 104 -8.06 21.45 12.12
N ALA A 105 -8.49 22.01 10.97
CA ALA A 105 -7.72 23.08 10.34
C ALA A 105 -7.70 24.29 11.28
N LEU A 106 -8.85 24.62 11.87
CA LEU A 106 -8.89 25.78 12.78
C LEU A 106 -7.91 25.62 13.95
N GLN A 107 -7.92 24.43 14.56
CA GLN A 107 -7.08 24.20 15.71
C GLN A 107 -5.57 24.35 15.31
N LEU A 108 -5.18 23.85 14.13
CA LEU A 108 -3.86 24.08 13.63
C LEU A 108 -3.53 25.54 13.54
N ARG A 109 -4.40 26.33 12.86
CA ARG A 109 -4.10 27.79 12.73
C ARG A 109 -4.02 28.44 14.12
N ARG A 110 -4.91 28.09 15.04
CA ARG A 110 -4.94 28.78 16.38
C ARG A 110 -3.65 28.43 17.16
N ARG A 111 -3.06 27.25 16.85
CA ARG A 111 -1.81 26.83 17.47
C ARG A 111 -0.60 27.54 16.87
N GLY A 112 -0.78 28.24 15.74
CA GLY A 112 0.34 28.89 15.11
C GLY A 112 0.75 28.39 13.74
N CYS A 113 0.06 27.36 13.24
CA CYS A 113 0.50 26.85 11.94
C CYS A 113 -0.14 27.74 10.85
N ASP A 114 0.66 28.22 9.91
CA ASP A 114 0.12 29.08 8.83
C ASP A 114 -0.41 28.14 7.72
N LEU A 115 -1.47 27.43 8.04
CA LEU A 115 -2.01 26.37 7.20
C LEU A 115 -2.97 26.96 6.17
N LYS A 116 -2.70 26.66 4.89
CA LYS A 116 -3.45 27.12 3.75
C LYS A 116 -4.31 25.98 3.27
N LEU A 117 -5.55 26.29 2.83
CA LEU A 117 -6.52 25.34 2.30
C LEU A 117 -6.77 25.67 0.84
N ILE A 118 -7.31 24.70 0.10
CA ILE A 118 -7.72 24.90 -1.29
C ILE A 118 -9.15 24.44 -1.53
N VAL A 119 -9.77 25.10 -2.53
CA VAL A 119 -11.14 24.71 -2.88
C VAL A 119 -11.29 24.88 -4.41
N ASP A 120 -12.36 24.30 -4.95
CA ASP A 120 -12.65 24.44 -6.39
C ASP A 120 -14.16 24.56 -6.61
N SER A 121 -14.93 24.91 -5.56
CA SER A 121 -16.41 24.95 -5.68
C SER A 121 -16.90 26.11 -4.80
N VAL A 122 -18.00 26.72 -5.22
CA VAL A 122 -18.72 27.67 -4.38
C VAL A 122 -19.14 27.06 -3.06
N ALA A 123 -19.75 25.86 -3.03
CA ALA A 123 -20.21 25.30 -1.74
C ALA A 123 -19.04 25.11 -0.74
N ALA A 124 -17.87 24.63 -1.21
CA ALA A 124 -16.77 24.44 -0.28
C ALA A 124 -16.27 25.83 0.22
N ALA A 125 -16.21 26.83 -0.68
CA ALA A 125 -15.80 28.18 -0.27
C ALA A 125 -16.79 28.78 0.76
N GLN A 126 -18.10 28.53 0.58
CA GLN A 126 -19.12 29.05 1.52
C GLN A 126 -18.98 28.39 2.87
N ALA A 127 -18.66 27.09 2.85
CA ALA A 127 -18.57 26.33 4.15
C ALA A 127 -17.38 26.93 4.96
N ILE A 128 -16.23 27.12 4.27
CA ILE A 128 -15.05 27.72 4.95
C ILE A 128 -15.35 29.13 5.47
N ALA A 129 -15.90 29.97 4.58
CA ALA A 129 -16.13 31.39 4.97
C ALA A 129 -17.14 31.49 6.14
N ALA A 130 -18.21 30.70 6.13
CA ALA A 130 -19.20 30.74 7.21
C ALA A 130 -18.57 30.25 8.53
N PHE A 131 -17.80 29.16 8.47
CA PHE A 131 -17.17 28.68 9.72
C PHE A 131 -16.17 29.70 10.20
N GLY A 132 -15.37 30.26 9.30
CA GLY A 132 -14.31 31.26 9.71
C GLY A 132 -14.94 32.49 10.37
N ARG A 133 -16.04 32.95 9.85
CA ARG A 133 -16.71 34.10 10.48
C ARG A 133 -17.24 33.77 11.85
N GLU A 134 -17.84 32.58 11.99
CA GLU A 134 -18.32 32.15 13.31
C GLU A 134 -17.17 32.05 14.34
N GLN A 135 -16.01 31.53 13.88
CA GLN A 135 -14.94 31.18 14.82
C GLN A 135 -13.90 32.29 14.94
N GLY A 136 -14.08 33.36 14.17
CA GLY A 136 -13.15 34.49 14.22
C GLY A 136 -11.86 34.20 13.48
N GLU A 137 -11.90 33.44 12.38
CA GLU A 137 -10.67 32.95 11.74
C GLU A 137 -10.73 33.36 10.28
N ALA A 138 -9.82 34.19 9.81
CA ALA A 138 -9.70 34.48 8.38
C ALA A 138 -8.80 33.40 7.75
N PHE A 139 -9.40 32.24 7.47
CA PHE A 139 -8.69 31.14 6.73
C PHE A 139 -8.09 31.64 5.43
N GLU A 140 -6.86 31.25 5.19
CA GLU A 140 -6.23 31.48 3.87
C GLU A 140 -6.61 30.34 2.93
N VAL A 141 -7.17 30.68 1.75
CA VAL A 141 -7.72 29.66 0.86
C VAL A 141 -7.21 30.03 -0.51
N TRP A 142 -6.72 29.00 -1.26
CA TRP A 142 -6.35 29.19 -2.69
C TRP A 142 -7.34 28.46 -3.53
N ILE A 143 -7.45 28.91 -4.80
CA ILE A 143 -8.44 28.26 -5.70
C ILE A 143 -7.68 27.33 -6.62
N GLU A 144 -8.16 26.08 -6.65
CA GLU A 144 -7.48 25.09 -7.49
C GLU A 144 -8.01 25.17 -8.95
N ILE A 145 -7.09 25.18 -9.90
CA ILE A 145 -7.38 25.40 -11.32
C ILE A 145 -7.04 24.08 -12.05
N ASP A 146 -7.95 23.64 -12.93
CA ASP A 146 -7.76 22.48 -13.76
C ASP A 146 -7.14 22.99 -15.06
N THR A 147 -5.87 22.73 -15.25
CA THR A 147 -5.16 23.15 -16.49
C THR A 147 -4.95 22.08 -17.55
N ASP A 148 -5.26 20.82 -17.18
CA ASP A 148 -4.98 19.71 -18.08
C ASP A 148 -5.95 18.53 -18.09
N GLY A 149 -7.06 18.65 -17.34
CA GLY A 149 -8.11 17.63 -17.21
C GLY A 149 -7.71 16.41 -16.35
N HIS A 150 -6.59 16.54 -15.59
CA HIS A 150 -6.05 15.39 -14.79
C HIS A 150 -7.04 14.94 -13.71
N ARG A 151 -7.64 15.92 -13.00
CA ARG A 151 -8.29 15.67 -11.68
C ARG A 151 -9.24 16.87 -11.25
N SER A 152 -8.99 17.53 -10.09
CA SER A 152 -9.88 18.53 -9.48
C SER A 152 -9.64 19.90 -10.24
N GLY A 153 -10.53 20.85 -9.99
CA GLY A 153 -10.19 22.22 -10.25
C GLY A 153 -11.17 22.94 -11.17
N VAL A 154 -11.13 24.27 -11.05
CA VAL A 154 -11.93 25.15 -11.86
C VAL A 154 -11.29 25.19 -13.23
N GLY A 155 -12.07 24.99 -14.29
CA GLY A 155 -11.47 25.02 -15.61
C GLY A 155 -10.73 26.34 -15.82
N ALA A 156 -9.53 26.34 -16.40
CA ALA A 156 -8.81 27.67 -16.61
C ALA A 156 -9.49 28.77 -17.46
N ASP A 157 -10.50 28.41 -18.24
CA ASP A 157 -11.30 29.50 -18.82
C ASP A 157 -12.75 29.57 -18.30
N ASP A 158 -13.08 28.79 -17.27
CA ASP A 158 -14.36 28.96 -16.59
C ASP A 158 -14.35 30.17 -15.62
N THR A 159 -14.21 31.36 -16.19
CA THR A 159 -14.19 32.62 -15.43
C THR A 159 -15.37 32.85 -14.46
N PRO A 160 -16.64 32.59 -14.89
CA PRO A 160 -17.72 32.80 -13.92
C PRO A 160 -17.55 32.00 -12.63
N LEU A 161 -17.18 30.71 -12.75
CA LEU A 161 -16.97 29.87 -11.57
C LEU A 161 -15.78 30.40 -10.74
N LEU A 162 -14.68 30.70 -11.42
CA LEU A 162 -13.50 31.26 -10.76
C LEU A 162 -13.86 32.53 -9.91
N LEU A 163 -14.52 33.52 -10.54
CA LEU A 163 -14.94 34.78 -9.87
C LEU A 163 -15.97 34.51 -8.77
N ALA A 164 -16.86 33.54 -8.98
CA ALA A 164 -17.88 33.27 -7.94
C ALA A 164 -17.18 32.75 -6.69
N ILE A 165 -16.18 31.86 -6.84
CA ILE A 165 -15.48 31.30 -5.67
C ILE A 165 -14.61 32.42 -5.06
N GLY A 166 -13.91 33.16 -5.90
CA GLY A 166 -13.08 34.26 -5.46
C GLY A 166 -13.87 35.29 -4.61
N ARG A 167 -15.08 35.67 -5.05
CA ARG A 167 -15.85 36.66 -4.28
CA ARG A 167 -15.96 36.63 -4.34
C ARG A 167 -16.44 36.02 -3.04
N THR A 168 -16.80 34.73 -3.08
CA THR A 168 -17.28 34.09 -1.86
C THR A 168 -16.23 34.19 -0.74
N LEU A 169 -14.99 33.88 -1.08
CA LEU A 169 -13.93 33.92 -0.08
C LEU A 169 -13.65 35.34 0.34
N HIS A 170 -13.40 36.22 -0.62
CA HIS A 170 -12.96 37.58 -0.28
C HIS A 170 -14.07 38.43 0.33
N ASP A 171 -15.27 38.41 -0.24
CA ASP A 171 -16.40 39.13 0.39
C ASP A 171 -16.81 38.49 1.70
N GLY A 172 -16.49 37.18 1.86
CA GLY A 172 -16.78 36.43 3.07
C GLY A 172 -15.82 36.62 4.23
N GLY A 173 -14.82 37.49 4.06
CA GLY A 173 -13.86 37.82 5.13
C GLY A 173 -12.67 36.87 5.26
N MET A 174 -12.49 35.99 4.26
CA MET A 174 -11.37 35.07 4.28
C MET A 174 -10.25 35.69 3.48
N ARG A 175 -9.09 35.02 3.53
CA ARG A 175 -7.90 35.53 2.82
C ARG A 175 -7.79 34.70 1.55
N LEU A 176 -8.08 35.32 0.42
CA LEU A 176 -7.94 34.67 -0.89
C LEU A 176 -6.45 34.76 -1.22
N GLY A 177 -5.72 33.64 -1.07
CA GLY A 177 -4.27 33.77 -1.07
C GLY A 177 -3.60 33.47 -2.39
N GLY A 178 -4.36 32.92 -3.36
CA GLY A 178 -3.65 32.51 -4.58
C GLY A 178 -4.45 31.50 -5.38
N VAL A 179 -3.86 31.02 -6.47
CA VAL A 179 -4.41 29.93 -7.34
C VAL A 179 -3.31 28.86 -7.44
N LEU A 180 -3.71 27.60 -7.62
CA LEU A 180 -2.68 26.59 -7.86
C LEU A 180 -3.22 25.60 -8.87
N THR A 181 -2.25 24.91 -9.50
CA THR A 181 -2.63 23.82 -10.40
C THR A 181 -1.58 22.72 -10.32
N HIS A 182 -1.97 21.48 -10.63
CA HIS A 182 -1.04 20.34 -10.74
C HIS A 182 -1.31 19.66 -12.06
N ALA A 183 -0.36 19.78 -12.99
CA ALA A 183 -0.56 19.19 -14.31
C ALA A 183 -0.14 17.71 -14.30
N GLY A 184 -0.86 16.90 -13.53
CA GLY A 184 -0.53 15.49 -13.34
C GLY A 184 -0.63 14.65 -14.61
N SER A 185 -1.28 15.14 -15.68
CA SER A 185 -1.24 14.36 -16.94
C SER A 185 0.16 14.30 -17.52
N SER A 186 1.12 15.04 -16.96
CA SER A 186 2.53 14.96 -17.41
C SER A 186 3.03 13.51 -17.23
N TYR A 187 2.39 12.71 -16.39
CA TYR A 187 2.93 11.36 -16.17
C TYR A 187 2.59 10.43 -17.32
N GLU A 188 1.77 10.91 -18.24
CA GLU A 188 1.40 10.12 -19.46
C GLU A 188 2.37 10.41 -20.62
N LEU A 189 3.26 11.35 -20.41
CA LEU A 189 4.19 11.79 -21.49
C LEU A 189 5.55 11.20 -21.39
N ASP A 190 6.31 11.28 -22.48
CA ASP A 190 7.62 10.69 -22.51
C ASP A 190 8.55 11.31 -23.49
N THR A 191 8.37 12.60 -23.83
CA THR A 191 9.29 13.29 -24.76
C THR A 191 9.46 14.71 -24.15
N PRO A 192 10.65 15.32 -24.32
CA PRO A 192 10.89 16.69 -23.85
C PRO A 192 9.89 17.68 -24.51
N GLU A 193 9.61 17.51 -25.79
CA GLU A 193 8.75 18.49 -26.53
C GLU A 193 7.38 18.49 -25.90
N ALA A 194 6.82 17.30 -25.60
CA ALA A 194 5.46 17.22 -25.07
C ALA A 194 5.46 17.76 -23.63
N LEU A 195 6.48 17.40 -22.82
CA LEU A 195 6.55 17.91 -21.44
C LEU A 195 6.67 19.41 -21.41
N GLN A 196 7.54 19.96 -22.26
CA GLN A 196 7.74 21.43 -22.34
C GLN A 196 6.38 22.14 -22.68
N ALA A 197 5.60 21.53 -23.56
CA ALA A 197 4.36 22.17 -24.07
C ALA A 197 3.33 22.10 -22.95
N LEU A 198 3.24 20.96 -22.25
CA LEU A 198 2.31 20.78 -21.13
C LEU A 198 2.74 21.77 -20.00
N ALA A 199 4.03 21.89 -19.72
CA ALA A 199 4.46 22.86 -18.68
C ALA A 199 4.01 24.28 -19.02
N GLU A 200 4.07 24.64 -20.31
CA GLU A 200 3.60 25.96 -20.75
C GLU A 200 2.06 26.11 -20.60
N ARG A 201 1.30 25.04 -20.88
CA ARG A 201 -0.16 25.05 -20.72
C ARG A 201 -0.52 25.18 -19.25
N GLU A 202 0.25 24.49 -18.37
CA GLU A 202 0.04 24.57 -16.97
C GLU A 202 0.30 26.01 -16.49
N ARG A 203 1.47 26.56 -16.87
CA ARG A 203 1.86 27.96 -16.47
C ARG A 203 0.79 28.95 -16.96
N ALA A 204 0.48 28.84 -18.23
CA ALA A 204 -0.43 29.84 -18.86
C ALA A 204 -1.86 29.79 -18.20
N GLY A 205 -2.35 28.59 -17.91
CA GLY A 205 -3.70 28.42 -17.35
C GLY A 205 -3.77 28.96 -15.93
N CYS A 206 -2.71 28.68 -15.15
CA CYS A 206 -2.72 29.15 -13.77
C CYS A 206 -2.60 30.70 -13.77
N VAL A 207 -1.68 31.22 -14.59
CA VAL A 207 -1.48 32.70 -14.70
C VAL A 207 -2.76 33.42 -15.19
N GLN A 208 -3.46 32.80 -16.09
CA GLN A 208 -4.70 33.37 -16.65
C GLN A 208 -5.76 33.47 -15.52
N ALA A 209 -5.88 32.44 -14.68
CA ALA A 209 -6.84 32.44 -13.56
C ALA A 209 -6.44 33.60 -12.63
N ALA A 210 -5.14 33.72 -12.30
CA ALA A 210 -4.66 34.81 -11.38
C ALA A 210 -5.06 36.18 -12.01
N GLU A 211 -4.78 36.35 -13.31
CA GLU A 211 -5.02 37.59 -14.00
C GLU A 211 -6.51 37.92 -13.98
N ALA A 212 -7.37 36.91 -14.18
CA ALA A 212 -8.87 37.08 -14.12
C ALA A 212 -9.37 37.55 -12.75
N LEU A 213 -8.81 36.96 -11.68
CA LEU A 213 -9.12 37.38 -10.30
C LEU A 213 -8.75 38.86 -10.11
N ARG A 214 -7.53 39.18 -10.50
CA ARG A 214 -6.97 40.52 -10.32
C ARG A 214 -7.74 41.58 -11.14
N ALA A 215 -8.10 41.23 -12.37
CA ALA A 215 -8.88 42.13 -13.23
C ALA A 215 -10.27 42.40 -12.57
N ALA A 216 -10.78 41.41 -11.82
CA ALA A 216 -12.04 41.52 -11.02
C ALA A 216 -11.87 42.29 -9.65
N GLY A 217 -10.65 42.81 -9.46
CA GLY A 217 -10.23 43.51 -8.21
C GLY A 217 -10.13 42.56 -7.00
N LEU A 218 -9.96 41.24 -7.22
CA LEU A 218 -9.75 40.26 -6.10
C LEU A 218 -8.23 40.03 -5.88
N PRO A 219 -7.82 39.80 -4.60
CA PRO A 219 -6.40 39.53 -4.37
C PRO A 219 -6.02 38.15 -4.91
N CYS A 220 -4.84 38.05 -5.49
CA CYS A 220 -4.31 36.69 -5.85
C CYS A 220 -2.74 36.70 -5.80
N PRO A 221 -2.15 36.77 -4.56
CA PRO A 221 -0.68 37.03 -4.52
C PRO A 221 0.15 35.82 -4.94
N VAL A 222 -0.37 34.60 -4.78
CA VAL A 222 0.45 33.41 -5.14
C VAL A 222 -0.09 32.76 -6.39
N VAL A 223 0.82 32.36 -7.30
CA VAL A 223 0.47 31.55 -8.44
C VAL A 223 1.39 30.30 -8.34
N SER A 224 0.81 29.12 -8.07
CA SER A 224 1.60 27.93 -7.66
C SER A 224 1.32 26.84 -8.70
N VAL A 225 2.33 26.32 -9.40
CA VAL A 225 2.15 25.21 -10.36
C VAL A 225 2.99 24.02 -9.93
N GLY A 226 2.79 22.88 -10.58
CA GLY A 226 3.86 21.87 -10.51
C GLY A 226 3.44 20.41 -10.56
N SER A 227 4.33 19.69 -11.22
CA SER A 227 4.51 18.24 -11.02
C SER A 227 5.99 18.06 -11.26
N THR A 228 6.57 16.94 -10.88
CA THR A 228 8.03 16.82 -11.06
C THR A 228 8.43 16.92 -12.57
N PRO A 229 7.67 16.23 -13.46
CA PRO A 229 8.10 16.35 -14.88
C PRO A 229 7.95 17.78 -15.50
N THR A 230 6.86 18.48 -15.16
CA THR A 230 6.72 19.85 -15.69
C THR A 230 7.68 20.83 -14.98
N ALA A 231 8.03 20.59 -13.71
CA ALA A 231 8.97 21.47 -13.00
C ALA A 231 10.32 21.36 -13.73
N LEU A 232 10.72 20.16 -14.14
CA LEU A 232 12.03 19.97 -14.78
C LEU A 232 12.03 20.31 -16.25
N ALA A 233 10.86 20.33 -16.89
CA ALA A 233 10.79 20.57 -18.35
C ALA A 233 10.43 22.02 -18.77
N ALA A 234 9.83 22.80 -17.86
CA ALA A 234 9.29 24.10 -18.24
C ALA A 234 10.41 24.99 -18.80
N SER A 235 10.22 25.65 -19.96
CA SER A 235 11.32 26.54 -20.47
C SER A 235 11.27 27.86 -19.75
N ARG A 236 10.09 28.34 -19.39
CA ARG A 236 9.98 29.60 -18.61
CA ARG A 236 9.97 29.60 -18.65
C ARG A 236 8.76 29.53 -17.67
N LEU A 237 8.80 30.36 -16.62
CA LEU A 237 7.70 30.38 -15.62
C LEU A 237 7.25 31.82 -15.28
N ASP A 238 7.15 32.67 -16.30
CA ASP A 238 6.62 34.02 -16.09
C ASP A 238 5.25 33.95 -15.41
N GLY A 239 5.03 34.82 -14.42
CA GLY A 239 3.74 34.93 -13.75
C GLY A 239 3.66 33.99 -12.57
N VAL A 240 4.56 33.03 -12.47
CA VAL A 240 4.48 31.96 -11.44
C VAL A 240 5.28 32.43 -10.18
N THR A 241 4.75 32.16 -8.98
CA THR A 241 5.51 32.56 -7.79
CA THR A 241 5.43 32.52 -7.76
C THR A 241 6.21 31.32 -7.17
N GLU A 242 5.64 30.10 -7.31
CA GLU A 242 6.27 28.91 -6.69
C GLU A 242 5.91 27.70 -7.55
N VAL A 243 6.73 26.68 -7.37
CA VAL A 243 6.51 25.37 -8.00
C VAL A 243 6.45 24.39 -6.85
N ARG A 244 5.52 23.44 -6.99
CA ARG A 244 5.37 22.33 -6.01
C ARG A 244 5.85 21.08 -6.73
N ALA A 245 6.80 20.38 -6.13
CA ALA A 245 7.25 19.11 -6.72
C ALA A 245 7.61 18.23 -5.53
N GLY A 246 7.45 16.91 -5.67
CA GLY A 246 7.70 15.99 -4.50
C GLY A 246 8.46 14.74 -4.90
N VAL A 247 8.03 14.01 -5.96
CA VAL A 247 8.63 12.68 -6.13
C VAL A 247 10.08 12.82 -6.53
N TYR A 248 10.50 13.96 -7.10
CA TYR A 248 11.90 14.16 -7.53
C TYR A 248 12.93 13.90 -6.39
N VAL A 249 12.53 14.05 -5.08
CA VAL A 249 13.50 13.94 -4.02
C VAL A 249 14.19 12.54 -4.15
N PHE A 250 13.39 11.49 -4.51
CA PHE A 250 13.95 10.16 -4.71
C PHE A 250 14.01 9.75 -6.17
N PHE A 251 13.06 10.24 -7.02
CA PHE A 251 12.81 9.70 -8.35
C PHE A 251 12.35 8.22 -8.26
N ASP A 252 12.05 7.61 -9.44
CA ASP A 252 11.52 6.25 -9.50
C ASP A 252 11.52 5.87 -10.97
N LEU A 253 11.07 4.64 -11.25
CA LEU A 253 11.16 4.14 -12.62
C LEU A 253 10.10 4.81 -13.50
N VAL A 254 8.93 5.20 -12.96
CA VAL A 254 7.95 5.93 -13.77
C VAL A 254 8.62 7.21 -14.26
N MET A 255 9.30 7.97 -13.37
CA MET A 255 10.03 9.16 -13.78
C MET A 255 11.10 8.87 -14.83
N ARG A 256 11.86 7.79 -14.65
CA ARG A 256 12.85 7.39 -15.62
C ARG A 256 12.21 7.21 -16.99
N ASN A 257 11.04 6.54 -17.06
CA ASN A 257 10.38 6.29 -18.37
C ASN A 257 9.85 7.63 -18.96
N ILE A 258 9.36 8.52 -18.08
CA ILE A 258 8.89 9.85 -18.57
C ILE A 258 10.08 10.61 -19.19
N GLY A 259 11.31 10.34 -18.71
CA GLY A 259 12.52 10.88 -19.34
C GLY A 259 13.20 11.92 -18.52
N VAL A 260 12.75 12.12 -17.30
CA VAL A 260 13.25 13.25 -16.51
C VAL A 260 14.37 12.83 -15.58
N CYS A 261 14.69 11.53 -15.54
CA CYS A 261 15.88 11.11 -14.72
C CYS A 261 16.33 9.77 -15.35
N ALA A 262 17.49 9.29 -14.86
CA ALA A 262 18.03 7.97 -15.27
C ALA A 262 17.74 7.01 -14.08
N ALA A 263 17.80 5.67 -14.31
CA ALA A 263 17.67 4.74 -13.22
C ALA A 263 18.71 4.97 -12.12
N GLU A 264 19.91 5.35 -12.51
CA GLU A 264 21.03 5.59 -11.59
C GLU A 264 20.77 6.79 -10.66
N ASP A 265 19.76 7.65 -10.99
CA ASP A 265 19.42 8.80 -10.14
C ASP A 265 18.43 8.42 -9.02
N VAL A 266 17.82 7.21 -9.11
CA VAL A 266 16.78 6.86 -8.15
C VAL A 266 17.43 6.58 -6.79
N ALA A 267 17.00 7.35 -5.76
CA ALA A 267 17.67 7.33 -4.46
C ALA A 267 17.00 6.39 -3.49
N LEU A 268 15.82 5.88 -3.82
CA LEU A 268 15.11 4.97 -2.93
C LEU A 268 15.17 3.56 -3.55
N SER A 269 15.59 2.60 -2.73
CA SER A 269 15.55 1.17 -3.18
C SER A 269 15.09 0.34 -2.01
N VAL A 270 14.60 -0.85 -2.33
CA VAL A 270 14.16 -1.80 -1.30
C VAL A 270 15.20 -2.91 -1.17
N LEU A 271 15.84 -2.96 -0.02
CA LEU A 271 16.84 -4.05 0.25
C LEU A 271 16.02 -5.31 0.49
N ALA A 272 16.41 -6.41 -0.18
CA ALA A 272 15.69 -7.69 -0.14
C ALA A 272 16.68 -8.83 -0.01
N THR A 273 16.24 -9.95 0.56
CA THR A 273 17.05 -11.17 0.60
C THR A 273 16.48 -12.24 -0.28
N VAL A 274 17.38 -12.97 -0.97
CA VAL A 274 16.96 -14.19 -1.70
C VAL A 274 16.67 -15.29 -0.69
N ILE A 275 15.41 -15.76 -0.69
CA ILE A 275 15.00 -16.81 0.25
C ILE A 275 14.72 -18.14 -0.41
N GLY A 276 14.89 -18.22 -1.72
CA GLY A 276 14.70 -19.54 -2.43
C GLY A 276 14.69 -19.35 -3.91
N HIS A 277 14.34 -20.40 -4.64
CA HIS A 277 14.40 -20.39 -6.10
C HIS A 277 13.37 -21.31 -6.69
N GLN A 278 13.03 -21.06 -7.94
N GLN A 278 13.06 -21.07 -7.94
CA GLN A 278 12.32 -22.04 -8.77
CA GLN A 278 12.33 -22.03 -8.77
C GLN A 278 13.25 -22.28 -9.97
C GLN A 278 13.25 -22.28 -9.95
N ALA A 279 14.02 -23.36 -9.92
CA ALA A 279 15.13 -23.51 -10.89
C ALA A 279 14.56 -23.70 -12.28
N ASP A 280 13.45 -24.46 -12.43
CA ASP A 280 12.99 -24.73 -13.81
C ASP A 280 12.55 -23.47 -14.51
N LYS A 281 12.01 -22.54 -13.73
CA LYS A 281 11.50 -21.27 -14.30
C LYS A 281 12.56 -20.17 -14.28
N GLY A 282 13.74 -20.42 -13.71
CA GLY A 282 14.72 -19.37 -13.55
C GLY A 282 14.29 -18.23 -12.64
N TRP A 283 13.64 -18.58 -11.53
CA TRP A 283 13.20 -17.57 -10.57
C TRP A 283 14.10 -17.61 -9.35
N ALA A 284 14.39 -16.40 -8.85
CA ALA A 284 14.89 -16.26 -7.45
C ALA A 284 13.73 -15.67 -6.68
N ILE A 285 13.40 -16.24 -5.54
CA ILE A 285 12.30 -15.70 -4.69
C ILE A 285 12.98 -14.78 -3.65
N VAL A 286 12.47 -13.53 -3.52
CA VAL A 286 13.01 -12.58 -2.56
C VAL A 286 11.90 -12.27 -1.54
N ASP A 287 12.33 -11.70 -0.40
CA ASP A 287 11.38 -11.34 0.68
C ASP A 287 10.81 -9.94 0.54
N ALA A 288 10.91 -9.39 -0.66
CA ALA A 288 10.24 -8.11 -1.02
C ALA A 288 9.07 -8.44 -1.96
N GLY A 289 7.89 -8.66 -1.37
CA GLY A 289 6.68 -8.82 -2.16
C GLY A 289 5.98 -7.47 -2.36
N TRP A 290 4.70 -7.50 -2.72
CA TRP A 290 3.97 -6.20 -2.91
C TRP A 290 3.79 -5.56 -1.55
N MET A 291 3.85 -6.24 -0.38
CA MET A 291 3.76 -5.49 0.88
C MET A 291 4.99 -4.54 0.97
N ALA A 292 6.15 -4.91 0.43
CA ALA A 292 7.35 -4.03 0.46
C ALA A 292 7.25 -3.06 -0.75
N MET A 293 7.02 -3.56 -1.97
CA MET A 293 7.11 -2.67 -3.14
C MET A 293 5.86 -1.79 -3.33
N SER A 294 4.73 -2.16 -2.72
CA SER A 294 3.39 -1.72 -3.08
C SER A 294 2.92 -2.47 -4.34
N ARG A 295 1.63 -2.35 -4.58
CA ARG A 295 1.01 -2.90 -5.83
C ARG A 295 1.20 -1.93 -6.99
N ASP A 296 1.91 -0.77 -6.87
CA ASP A 296 1.94 0.12 -8.00
C ASP A 296 2.70 -0.51 -9.19
N ARG A 297 2.04 -0.46 -10.37
CA ARG A 297 2.57 -1.00 -11.60
C ARG A 297 2.52 0.12 -12.70
N GLY A 298 2.87 1.34 -12.33
CA GLY A 298 2.83 2.46 -13.27
C GLY A 298 3.70 2.26 -14.50
N THR A 299 4.79 1.48 -14.42
CA THR A 299 5.63 1.28 -15.61
C THR A 299 4.92 0.34 -16.63
N ALA A 300 3.88 -0.42 -16.24
CA ALA A 300 3.22 -1.35 -17.16
C ALA A 300 2.62 -0.60 -18.37
N ARG A 301 2.20 0.66 -18.12
CA ARG A 301 1.52 1.54 -19.13
C ARG A 301 2.53 2.36 -19.96
N GLN A 302 3.85 2.09 -19.75
CA GLN A 302 4.93 2.90 -20.30
C GLN A 302 5.71 2.08 -21.29
N LYS A 303 6.72 2.68 -21.90
CA LYS A 303 7.45 2.02 -22.96
C LYS A 303 8.42 0.94 -22.51
N GLN A 304 8.78 0.90 -21.23
CA GLN A 304 9.54 -0.18 -20.67
C GLN A 304 8.93 -0.62 -19.34
N ASP A 305 8.38 -1.82 -19.29
CA ASP A 305 7.77 -2.40 -18.10
C ASP A 305 8.81 -2.98 -17.16
N PHE A 306 8.83 -2.48 -15.94
CA PHE A 306 9.81 -3.00 -14.94
C PHE A 306 9.18 -3.97 -13.92
N GLY A 307 7.99 -4.46 -14.21
CA GLY A 307 7.41 -5.41 -13.24
C GLY A 307 7.22 -4.71 -11.94
N TYR A 308 7.53 -5.45 -10.84
CA TYR A 308 7.42 -4.86 -9.49
C TYR A 308 8.76 -4.21 -9.08
N GLY A 309 9.71 -4.06 -10.02
CA GLY A 309 10.85 -3.19 -9.73
C GLY A 309 12.12 -3.70 -10.46
N GLN A 310 13.09 -2.76 -10.54
CA GLN A 310 14.34 -3.06 -11.24
C GLN A 310 15.34 -3.62 -10.24
N VAL A 311 15.96 -4.76 -10.53
CA VAL A 311 16.96 -5.35 -9.60
C VAL A 311 18.27 -4.58 -9.71
N CYS A 312 18.89 -4.36 -8.56
CA CYS A 312 20.22 -3.82 -8.46
C CYS A 312 20.99 -4.71 -7.46
N ASP A 313 22.32 -4.72 -7.56
CA ASP A 313 23.09 -5.49 -6.60
C ASP A 313 23.19 -4.70 -5.28
N LEU A 314 23.86 -5.29 -4.25
CA LEU A 314 23.88 -4.73 -2.90
C LEU A 314 24.58 -3.35 -2.95
N GLN A 315 25.52 -3.17 -3.90
CA GLN A 315 26.18 -1.85 -4.08
C GLN A 315 25.38 -0.84 -4.81
N GLY A 316 24.18 -1.22 -5.28
CA GLY A 316 23.35 -0.32 -6.01
C GLY A 316 23.56 -0.34 -7.49
N ARG A 317 24.41 -1.20 -8.04
CA ARG A 317 24.62 -1.27 -9.50
C ARG A 317 23.34 -1.81 -10.15
N VAL A 318 22.80 -1.12 -11.16
CA VAL A 318 21.63 -1.63 -11.85
C VAL A 318 21.99 -2.90 -12.58
N MET A 319 21.08 -3.89 -12.56
CA MET A 319 21.27 -5.19 -13.26
C MET A 319 20.22 -5.28 -14.32
N PRO A 320 20.46 -4.60 -15.48
CA PRO A 320 19.40 -4.51 -16.49
C PRO A 320 18.97 -5.90 -16.94
N GLY A 321 17.72 -6.03 -17.30
CA GLY A 321 17.43 -7.47 -17.69
C GLY A 321 17.03 -8.44 -16.52
N PHE A 322 17.20 -8.03 -15.22
CA PHE A 322 16.53 -8.72 -14.11
C PHE A 322 15.57 -7.71 -13.48
N VAL A 323 14.31 -8.14 -13.32
CA VAL A 323 13.32 -7.37 -12.65
C VAL A 323 12.50 -8.30 -11.73
N LEU A 324 11.63 -7.72 -10.92
CA LEU A 324 10.64 -8.55 -10.19
C LEU A 324 9.43 -8.74 -11.14
N THR A 325 9.35 -9.91 -11.80
CA THR A 325 8.27 -10.12 -12.73
C THR A 325 6.92 -10.40 -12.10
N GLY A 326 6.94 -10.74 -10.81
CA GLY A 326 5.68 -11.00 -10.07
C GLY A 326 5.85 -10.69 -8.60
N ALA A 327 4.75 -10.61 -7.90
CA ALA A 327 4.82 -10.40 -6.43
C ALA A 327 3.56 -10.89 -5.77
N ASN A 328 3.73 -11.60 -4.67
CA ASN A 328 2.64 -11.87 -3.73
C ASN A 328 2.93 -11.04 -2.49
N GLN A 329 2.18 -11.23 -1.41
CA GLN A 329 2.26 -10.26 -0.33
C GLN A 329 3.69 -10.13 0.22
N GLU A 330 4.34 -11.27 0.61
CA GLU A 330 5.67 -11.22 1.21
C GLU A 330 6.71 -11.94 0.36
N HIS A 331 6.37 -12.25 -0.92
CA HIS A 331 7.33 -12.94 -1.81
C HIS A 331 7.40 -12.20 -3.11
N GLY A 332 8.59 -11.82 -3.54
CA GLY A 332 8.78 -11.21 -4.85
C GLY A 332 9.43 -12.30 -5.74
N ILE A 333 9.13 -12.26 -7.06
CA ILE A 333 9.66 -13.22 -7.99
C ILE A 333 10.63 -12.48 -8.86
N LEU A 334 11.91 -12.77 -8.71
CA LEU A 334 12.97 -12.15 -9.54
C LEU A 334 13.24 -13.05 -10.73
N ALA A 335 13.20 -12.51 -11.95
CA ALA A 335 13.45 -13.36 -13.15
C ALA A 335 13.91 -12.46 -14.27
N ARG A 336 14.30 -13.08 -15.40
CA ARG A 336 14.76 -12.29 -16.55
C ARG A 336 13.58 -11.48 -17.10
N ALA A 337 13.86 -10.21 -17.40
CA ALA A 337 12.90 -9.38 -18.10
C ALA A 337 12.61 -9.94 -19.48
N ASP A 338 13.57 -10.66 -20.12
CA ASP A 338 13.30 -11.15 -21.51
C ASP A 338 12.41 -12.37 -21.51
N GLY A 339 12.02 -12.89 -20.36
CA GLY A 339 11.02 -13.97 -20.39
C GLY A 339 11.66 -15.32 -20.33
N ALA A 340 12.99 -15.41 -20.52
CA ALA A 340 13.66 -16.74 -20.57
C ALA A 340 13.87 -17.25 -19.14
N ALA A 341 14.18 -18.54 -18.97
CA ALA A 341 14.44 -19.09 -17.67
C ALA A 341 15.98 -19.08 -17.48
N GLU A 342 16.49 -18.13 -16.70
CA GLU A 342 17.89 -18.09 -16.46
C GLU A 342 18.31 -19.46 -15.99
N ALA A 343 19.36 -19.95 -16.62
CA ALA A 343 19.94 -21.25 -16.27
C ALA A 343 20.63 -21.12 -14.91
N ASP A 344 20.49 -22.15 -14.08
CA ASP A 344 21.23 -22.13 -12.80
C ASP A 344 21.10 -20.83 -12.00
N ILE A 345 19.87 -20.39 -11.88
CA ILE A 345 19.57 -19.12 -11.17
C ILE A 345 20.20 -19.10 -9.76
N ALA A 346 20.18 -20.24 -9.08
CA ALA A 346 20.70 -20.36 -7.67
C ALA A 346 22.20 -20.22 -7.58
N THR A 347 22.86 -20.43 -8.70
CA THR A 347 24.28 -20.30 -8.68
C THR A 347 24.68 -18.85 -8.72
N ARG A 348 23.88 -18.05 -9.44
N ARG A 348 23.85 -18.06 -9.42
CA ARG A 348 24.11 -16.62 -9.50
CA ARG A 348 24.00 -16.62 -9.59
C ARG A 348 23.64 -15.88 -8.23
C ARG A 348 23.60 -15.86 -8.29
N PHE A 349 22.50 -16.30 -7.66
CA PHE A 349 21.91 -15.61 -6.53
C PHE A 349 21.69 -16.65 -5.42
N PRO A 350 22.79 -17.07 -4.72
CA PRO A 350 22.62 -18.09 -3.67
C PRO A 350 21.69 -17.63 -2.60
N LEU A 351 21.09 -18.57 -1.92
CA LEU A 351 20.25 -18.30 -0.70
C LEU A 351 20.97 -17.24 0.16
N GLY A 352 20.23 -16.22 0.59
CA GLY A 352 20.80 -15.19 1.50
C GLY A 352 21.38 -13.99 0.77
N THR A 353 21.57 -14.05 -0.54
CA THR A 353 22.15 -12.93 -1.25
C THR A 353 21.20 -11.70 -1.06
N ARG A 354 21.79 -10.52 -0.89
CA ARG A 354 20.96 -9.32 -0.72
C ARG A 354 21.03 -8.52 -2.03
N LEU A 355 19.92 -7.95 -2.39
CA LEU A 355 19.75 -7.18 -3.62
C LEU A 355 18.98 -5.90 -3.23
N ARG A 356 18.92 -4.96 -4.17
CA ARG A 356 18.14 -3.72 -3.90
C ARG A 356 17.24 -3.48 -5.11
N ILE A 357 15.98 -3.21 -4.85
CA ILE A 357 14.98 -3.09 -5.89
C ILE A 357 14.52 -1.64 -6.06
N LEU A 358 14.65 -1.08 -7.26
CA LEU A 358 14.16 0.27 -7.51
C LEU A 358 12.64 0.22 -7.79
N PRO A 359 11.89 1.20 -7.20
CA PRO A 359 10.43 1.15 -7.25
C PRO A 359 9.86 1.73 -8.55
N ASN A 360 8.67 1.25 -8.89
CA ASN A 360 7.86 1.92 -9.91
C ASN A 360 7.58 3.37 -9.47
N HIS A 361 7.08 3.52 -8.26
CA HIS A 361 6.51 4.79 -7.82
C HIS A 361 7.03 5.03 -6.41
N ALA A 362 7.88 6.03 -6.23
CA ALA A 362 8.56 6.21 -4.93
C ALA A 362 7.51 6.49 -3.81
N CYS A 363 6.46 7.28 -4.10
CA CYS A 363 5.51 7.67 -3.08
C CYS A 363 4.76 6.41 -2.59
N ALA A 364 4.48 5.44 -3.50
CA ALA A 364 3.70 4.26 -3.15
C ALA A 364 4.59 3.29 -2.33
N THR A 365 5.83 3.07 -2.85
CA THR A 365 6.71 2.12 -2.12
C THR A 365 7.04 2.65 -0.71
N GLY A 366 7.34 3.94 -0.61
CA GLY A 366 7.77 4.54 0.68
C GLY A 366 6.66 4.33 1.73
N ALA A 367 5.38 4.46 1.32
CA ALA A 367 4.27 4.33 2.24
C ALA A 367 4.11 2.95 2.88
N GLN A 368 4.78 1.93 2.29
CA GLN A 368 4.74 0.58 2.88
CA GLN A 368 4.76 0.57 2.86
C GLN A 368 5.62 0.43 4.11
N PHE A 369 6.48 1.43 4.41
CA PHE A 369 7.50 1.24 5.47
C PHE A 369 7.26 2.21 6.60
N PRO A 370 7.42 1.71 7.84
CA PRO A 370 7.41 2.63 9.00
C PRO A 370 8.53 3.67 8.95
N ALA A 371 9.62 3.37 8.26
CA ALA A 371 10.80 4.21 8.31
C ALA A 371 11.68 3.93 7.13
N TYR A 372 12.53 4.88 6.76
CA TYR A 372 13.63 4.70 5.82
C TYR A 372 14.92 4.42 6.55
N GLN A 373 15.85 3.77 5.85
CA GLN A 373 17.22 3.60 6.34
C GLN A 373 18.08 4.55 5.52
N ALA A 374 18.55 5.64 6.15
CA ALA A 374 19.31 6.66 5.40
C ALA A 374 20.76 6.24 5.33
N LEU A 375 21.28 5.90 4.12
CA LEU A 375 22.58 5.31 3.92
C LEU A 375 23.64 6.41 3.66
N ALA A 376 24.66 6.47 4.52
CA ALA A 376 25.74 7.43 4.46
C ALA A 376 26.85 6.92 3.57
N ALA A 377 27.81 7.81 3.29
CA ALA A 377 28.95 7.45 2.47
C ALA A 377 29.81 6.28 3.04
N ASP A 378 29.87 6.17 4.35
CA ASP A 378 30.71 5.16 4.98
C ASP A 378 29.95 3.80 5.03
N GLY A 379 28.70 3.74 4.51
CA GLY A 379 28.01 2.44 4.48
C GLY A 379 27.10 2.26 5.70
N SER A 380 27.18 3.15 6.71
CA SER A 380 26.27 3.02 7.84
C SER A 380 24.89 3.58 7.48
N VAL A 381 23.90 3.18 8.27
CA VAL A 381 22.52 3.71 8.09
C VAL A 381 22.01 4.30 9.40
N GLN A 382 21.10 5.27 9.25
CA GLN A 382 20.36 5.84 10.37
C GLN A 382 18.87 5.65 10.02
N THR A 383 18.04 5.29 11.00
CA THR A 383 16.62 5.10 10.71
C THR A 383 15.94 6.48 10.75
N TRP A 384 15.19 6.76 9.66
CA TRP A 384 14.40 8.05 9.54
C TRP A 384 12.92 7.64 9.46
N GLU A 385 12.18 7.80 10.55
CA GLU A 385 10.74 7.47 10.59
C GLU A 385 9.97 8.27 9.57
N ARG A 386 8.87 7.68 9.14
CA ARG A 386 7.87 8.41 8.31
C ARG A 386 6.47 8.14 8.81
N LEU A 387 5.52 8.94 8.30
CA LEU A 387 4.15 8.88 8.79
C LEU A 387 3.31 7.87 7.96
N HIS A 388 2.40 7.17 8.64
CA HIS A 388 1.43 6.26 8.06
C HIS A 388 0.07 6.68 8.54
N GLY A 389 -0.91 6.66 7.64
CA GLY A 389 -2.33 6.84 7.99
C GLY A 389 -2.79 8.31 7.97
N TRP A 390 -3.86 8.61 8.69
CA TRP A 390 -4.58 9.88 8.64
C TRP A 390 -4.84 10.39 9.99
N HIS B 2 -21.34 6.75 37.79
CA HIS B 2 -21.50 6.78 36.32
C HIS B 2 -20.56 7.74 35.57
N HIS B 3 -19.51 8.26 36.25
CA HIS B 3 -18.50 9.17 35.61
C HIS B 3 -17.87 8.60 34.35
N HIS B 4 -17.36 7.37 34.43
CA HIS B 4 -16.84 6.66 33.22
C HIS B 4 -17.87 6.50 32.10
N HIS B 5 -19.09 6.07 32.46
CA HIS B 5 -20.19 5.89 31.48
C HIS B 5 -20.45 7.16 30.69
N HIS B 6 -20.70 8.31 31.37
CA HIS B 6 -21.06 9.55 30.66
C HIS B 6 -19.92 10.06 29.79
N HIS B 7 -18.69 9.90 30.31
CA HIS B 7 -17.52 10.38 29.56
C HIS B 7 -17.28 9.52 28.32
N ALA B 8 -17.45 8.19 28.49
CA ALA B 8 -17.27 7.26 27.34
C ALA B 8 -18.30 7.57 26.25
N MET B 9 -19.59 7.77 26.63
CA MET B 9 -20.66 8.14 25.67
C MET B 9 -20.27 9.38 24.87
N SER B 10 -19.80 10.40 25.59
CA SER B 10 -19.40 11.69 24.97
C SER B 10 -18.22 11.48 23.99
N MET B 11 -17.38 10.48 24.22
CA MET B 11 -16.23 10.22 23.34
C MET B 11 -16.48 9.20 22.24
N GLN B 12 -17.65 8.58 22.17
CA GLN B 12 -17.89 7.43 21.27
C GLN B 12 -18.12 7.76 19.76
N ASP B 13 -17.34 7.17 18.85
CA ASP B 13 -17.50 7.49 17.41
C ASP B 13 -18.49 6.62 16.68
N THR B 14 -18.99 7.13 15.56
CA THR B 14 -19.88 6.36 14.69
C THR B 14 -19.37 6.64 13.28
N LEU B 15 -20.01 6.08 12.24
CA LEU B 15 -19.60 6.39 10.86
C LEU B 15 -19.81 7.83 10.45
N LEU B 16 -20.62 8.57 11.23
CA LEU B 16 -20.80 9.99 10.92
C LEU B 16 -19.73 10.88 11.50
N THR B 17 -19.06 10.40 12.56
CA THR B 17 -18.13 11.26 13.28
C THR B 17 -16.68 10.92 12.99
N LEU B 18 -16.38 9.74 12.42
CA LEU B 18 -14.98 9.40 12.07
C LEU B 18 -14.44 10.39 11.02
N ASP B 19 -13.15 10.67 11.07
CA ASP B 19 -12.53 11.27 9.90
C ASP B 19 -12.39 10.20 8.81
N THR B 20 -12.32 10.66 7.57
CA THR B 20 -12.20 9.78 6.41
C THR B 20 -10.87 10.08 5.74
N PRO B 21 -10.26 9.10 5.09
CA PRO B 21 -10.78 7.73 4.95
C PRO B 21 -10.55 6.90 6.22
N ALA B 22 -11.35 5.84 6.36
CA ALA B 22 -11.21 4.92 7.49
C ALA B 22 -11.53 3.52 7.02
N ALA B 23 -10.88 2.50 7.58
CA ALA B 23 -11.12 1.10 7.19
C ALA B 23 -12.12 0.54 8.21
N VAL B 24 -13.31 0.17 7.78
CA VAL B 24 -14.44 -0.15 8.67
C VAL B 24 -14.64 -1.68 8.54
N ILE B 25 -14.59 -2.39 9.69
CA ILE B 25 -14.98 -3.79 9.68
C ILE B 25 -16.45 -3.86 10.13
N ASP B 26 -17.34 -4.42 9.28
CA ASP B 26 -18.72 -4.72 9.72
C ASP B 26 -18.62 -6.04 10.57
N LEU B 27 -18.72 -5.93 11.89
CA LEU B 27 -18.47 -7.08 12.77
C LEU B 27 -19.45 -8.21 12.54
N ASP B 28 -20.69 -7.88 12.20
CA ASP B 28 -21.65 -8.97 12.03
C ASP B 28 -21.26 -9.77 10.76
N ARG B 29 -20.82 -9.07 9.68
CA ARG B 29 -20.36 -9.82 8.43
C ARG B 29 -19.13 -10.57 8.77
N MET B 30 -18.21 -9.95 9.53
CA MET B 30 -16.93 -10.65 9.88
C MET B 30 -17.28 -11.93 10.70
N GLN B 31 -18.21 -11.86 11.64
CA GLN B 31 -18.53 -13.07 12.41
C GLN B 31 -19.14 -14.14 11.56
N ARG B 32 -19.99 -13.75 10.59
CA ARG B 32 -20.60 -14.73 9.61
C ARG B 32 -19.49 -15.39 8.82
N ASN B 33 -18.47 -14.64 8.36
CA ASN B 33 -17.33 -15.26 7.61
C ASN B 33 -16.57 -16.22 8.51
N ILE B 34 -16.32 -15.83 9.77
CA ILE B 34 -15.53 -16.65 10.70
C ILE B 34 -16.28 -17.97 10.93
N ALA B 35 -17.58 -17.89 11.20
CA ALA B 35 -18.38 -19.10 11.50
C ALA B 35 -18.42 -19.98 10.29
N ARG B 36 -18.61 -19.39 9.11
CA ARG B 36 -18.75 -20.19 7.91
C ARG B 36 -17.46 -21.05 7.68
N MET B 37 -16.28 -20.46 7.76
CA MET B 37 -15.08 -21.20 7.49
C MET B 37 -14.88 -22.21 8.57
N GLN B 38 -15.04 -21.86 9.85
CA GLN B 38 -14.79 -22.79 10.93
C GLN B 38 -15.77 -23.97 10.78
N GLN B 39 -17.04 -23.73 10.43
CA GLN B 39 -18.02 -24.84 10.31
C GLN B 39 -17.62 -25.76 9.14
N ARG B 40 -17.11 -25.20 8.05
CA ARG B 40 -16.70 -26.02 6.92
C ARG B 40 -15.53 -26.92 7.29
N MET B 41 -14.58 -26.36 8.02
CA MET B 41 -13.39 -27.18 8.46
C MET B 41 -13.80 -28.25 9.49
N ASP B 42 -14.70 -27.92 10.43
CA ASP B 42 -15.24 -28.89 11.37
C ASP B 42 -15.90 -30.03 10.57
N ALA B 43 -16.73 -29.68 9.55
CA ALA B 43 -17.42 -30.70 8.71
C ALA B 43 -16.45 -31.65 8.00
N GLN B 44 -15.29 -31.11 7.59
CA GLN B 44 -14.19 -31.87 6.95
C GLN B 44 -13.30 -32.61 7.95
N GLY B 45 -13.49 -32.40 9.27
CA GLY B 45 -12.63 -32.97 10.33
C GLY B 45 -11.17 -32.52 10.26
N VAL B 46 -10.91 -31.25 9.87
CA VAL B 46 -9.56 -30.70 9.85
C VAL B 46 -9.49 -29.49 10.77
N ARG B 47 -8.29 -29.15 11.28
CA ARG B 47 -8.09 -27.94 12.07
C ARG B 47 -8.09 -26.77 11.04
N LEU B 48 -8.45 -25.58 11.54
CA LEU B 48 -8.29 -24.34 10.76
C LEU B 48 -7.23 -23.52 11.45
N ARG B 49 -6.17 -23.19 10.67
CA ARG B 49 -5.01 -22.40 11.18
C ARG B 49 -5.08 -21.09 10.35
N PRO B 50 -5.82 -20.08 10.83
CA PRO B 50 -6.08 -18.90 9.98
C PRO B 50 -4.78 -18.17 9.73
N HIS B 51 -4.75 -17.59 8.54
CA HIS B 51 -3.60 -16.76 8.17
C HIS B 51 -3.88 -15.32 8.55
N VAL B 52 -3.24 -14.83 9.59
CA VAL B 52 -3.55 -13.52 10.15
C VAL B 52 -2.89 -12.40 9.33
N LYS B 53 -2.17 -12.70 8.26
CA LYS B 53 -1.55 -11.59 7.52
C LYS B 53 -2.60 -10.71 6.85
N THR B 54 -3.87 -11.16 6.72
CA THR B 54 -4.94 -10.34 6.10
C THR B 54 -5.26 -9.14 7.06
N SER B 55 -5.36 -9.39 8.39
CA SER B 55 -5.79 -8.32 9.33
C SER B 55 -4.63 -7.82 10.17
N LYS B 56 -3.67 -8.72 10.54
CA LYS B 56 -2.65 -8.42 11.54
C LYS B 56 -3.20 -7.68 12.78
N SER B 57 -4.39 -8.11 13.25
CA SER B 57 -5.06 -7.42 14.31
C SER B 57 -5.43 -8.43 15.42
N VAL B 58 -4.97 -8.17 16.63
CA VAL B 58 -5.18 -9.07 17.81
C VAL B 58 -6.67 -9.40 17.99
N PRO B 59 -7.58 -8.38 18.00
CA PRO B 59 -8.97 -8.75 18.26
C PRO B 59 -9.61 -9.55 17.12
N VAL B 60 -9.16 -9.37 15.87
CA VAL B 60 -9.70 -10.16 14.76
C VAL B 60 -9.22 -11.63 14.95
N ALA B 61 -7.92 -11.87 15.23
CA ALA B 61 -7.46 -13.20 15.48
C ALA B 61 -8.12 -13.79 16.74
N ALA B 62 -8.46 -12.95 17.74
CA ALA B 62 -9.11 -13.45 18.96
C ALA B 62 -10.46 -14.01 18.59
N ALA B 63 -11.16 -13.41 17.63
CA ALA B 63 -12.53 -13.86 17.26
C ALA B 63 -12.34 -15.17 16.51
N GLN B 64 -11.31 -15.27 15.64
CA GLN B 64 -11.06 -16.56 14.92
C GLN B 64 -10.75 -17.67 15.95
N ARG B 65 -9.94 -17.38 16.99
CA ARG B 65 -9.61 -18.41 18.01
C ARG B 65 -10.88 -18.78 18.77
N ALA B 66 -11.69 -17.77 19.19
CA ALA B 66 -12.89 -18.08 20.00
C ALA B 66 -13.85 -19.00 19.23
N ALA B 67 -13.91 -18.85 17.90
CA ALA B 67 -14.75 -19.70 17.04
C ALA B 67 -14.27 -21.15 16.85
N GLY B 68 -13.02 -21.41 17.22
CA GLY B 68 -12.50 -22.78 17.14
C GLY B 68 -11.17 -22.96 16.42
N ALA B 69 -10.49 -21.87 16.00
CA ALA B 69 -9.22 -22.04 15.24
C ALA B 69 -8.13 -22.62 16.12
N SER B 70 -7.15 -23.32 15.51
CA SER B 70 -6.04 -23.97 16.22
C SER B 70 -4.77 -23.31 15.68
N GLY B 71 -4.18 -22.42 16.48
CA GLY B 71 -2.93 -21.78 16.05
C GLY B 71 -3.21 -20.73 14.96
N ILE B 72 -2.12 -20.13 14.44
CA ILE B 72 -2.24 -19.17 13.39
C ILE B 72 -1.08 -19.41 12.39
N THR B 73 -1.23 -18.81 11.22
CA THR B 73 -0.16 -18.71 10.24
C THR B 73 0.20 -17.22 10.15
N VAL B 74 1.50 -16.90 10.09
CA VAL B 74 1.97 -15.50 9.96
C VAL B 74 2.89 -15.38 8.74
N SER B 75 2.95 -14.18 8.19
CA SER B 75 3.77 -13.90 7.01
C SER B 75 5.11 -13.20 7.30
N THR B 76 5.32 -12.86 8.57
CA THR B 76 6.54 -12.17 9.01
C THR B 76 6.84 -12.56 10.44
N LEU B 77 8.09 -12.47 10.87
CA LEU B 77 8.40 -12.68 12.29
C LEU B 77 7.84 -11.53 13.16
N LYS B 78 7.62 -10.31 12.58
CA LYS B 78 6.98 -9.26 13.37
CA LYS B 78 6.98 -9.24 13.39
C LYS B 78 5.58 -9.69 13.78
N GLU B 79 4.82 -10.32 12.90
CA GLU B 79 3.50 -10.86 13.27
C GLU B 79 3.72 -11.92 14.37
N ALA B 80 4.70 -12.82 14.20
CA ALA B 80 4.87 -13.84 15.26
C ALA B 80 5.17 -13.17 16.64
N GLU B 81 6.02 -12.12 16.66
CA GLU B 81 6.34 -11.42 17.87
C GLU B 81 5.05 -10.82 18.50
N GLN B 82 4.22 -10.16 17.66
CA GLN B 82 3.03 -9.46 18.17
C GLN B 82 2.01 -10.46 18.71
N PHE B 83 1.73 -11.48 17.93
CA PHE B 83 0.68 -12.41 18.31
C PHE B 83 1.16 -13.27 19.51
N PHE B 84 2.45 -13.58 19.58
CA PHE B 84 2.93 -14.33 20.75
C PHE B 84 2.82 -13.45 22.01
N ALA B 85 3.20 -12.18 21.90
CA ALA B 85 3.07 -11.23 23.03
C ALA B 85 1.61 -11.21 23.52
N ALA B 86 0.68 -11.35 22.58
CA ALA B 86 -0.79 -11.34 22.84
C ALA B 86 -1.34 -12.67 23.34
N GLY B 87 -0.45 -13.65 23.48
CA GLY B 87 -0.82 -14.98 24.02
C GLY B 87 -0.99 -16.15 23.04
N THR B 88 -0.74 -15.96 21.73
CA THR B 88 -0.85 -17.07 20.83
C THR B 88 0.53 -17.78 20.77
N THR B 89 0.54 -19.07 21.10
CA THR B 89 1.79 -19.84 21.19
C THR B 89 2.05 -20.71 19.96
N ASP B 90 1.00 -21.11 19.26
CA ASP B 90 1.08 -22.07 18.13
C ASP B 90 1.13 -21.26 16.83
N ILE B 91 2.34 -21.00 16.33
CA ILE B 91 2.49 -20.01 15.22
C ILE B 91 3.34 -20.71 14.14
N LEU B 92 2.84 -20.65 12.91
CA LEU B 92 3.56 -21.13 11.72
C LEU B 92 4.02 -19.92 10.92
N TYR B 93 5.32 -19.74 10.73
CA TYR B 93 5.84 -18.64 9.88
C TYR B 93 5.98 -19.22 8.47
N ALA B 94 4.98 -18.93 7.60
CA ALA B 94 4.82 -19.68 6.30
C ALA B 94 5.50 -18.87 5.17
N VAL B 95 6.78 -18.51 5.34
CA VAL B 95 7.55 -17.91 4.23
C VAL B 95 8.91 -18.60 4.37
N SER B 96 9.44 -19.07 3.23
CA SER B 96 10.74 -19.76 3.19
CA SER B 96 10.69 -19.82 3.27
C SER B 96 11.74 -19.09 4.10
N MET B 97 12.34 -19.84 5.04
CA MET B 97 13.12 -19.23 6.11
C MET B 97 14.42 -18.64 5.55
N ALA B 98 14.73 -17.37 5.90
CA ALA B 98 16.02 -16.75 5.60
C ALA B 98 16.95 -17.09 6.77
N PRO B 99 18.16 -17.57 6.46
CA PRO B 99 19.09 -17.88 7.55
C PRO B 99 19.36 -16.70 8.47
N HIS B 100 19.40 -15.46 7.96
CA HIS B 100 19.74 -14.34 8.84
C HIS B 100 18.67 -14.09 9.93
N ARG B 101 17.43 -14.61 9.71
CA ARG B 101 16.39 -14.44 10.73
C ARG B 101 16.40 -15.54 11.78
N LEU B 102 17.37 -16.48 11.70
CA LEU B 102 17.38 -17.58 12.67
C LEU B 102 17.53 -17.09 14.15
N PRO B 103 18.36 -16.07 14.44
CA PRO B 103 18.45 -15.60 15.86
C PRO B 103 17.09 -15.15 16.36
N GLN B 104 16.33 -14.43 15.54
CA GLN B 104 15.00 -13.97 16.00
C GLN B 104 14.04 -15.15 16.23
N ALA B 105 14.08 -16.15 15.33
CA ALA B 105 13.22 -17.33 15.49
C ALA B 105 13.63 -18.09 16.77
N LEU B 106 14.92 -18.20 17.02
CA LEU B 106 15.44 -18.86 18.25
C LEU B 106 14.95 -18.12 19.48
N GLN B 107 15.06 -16.76 19.47
CA GLN B 107 14.64 -15.99 20.65
C GLN B 107 13.16 -16.25 20.94
N LEU B 108 12.31 -16.21 19.89
CA LEU B 108 10.87 -16.42 20.06
C LEU B 108 10.64 -17.84 20.74
N ARG B 109 11.29 -18.89 20.18
CA ARG B 109 11.09 -20.24 20.75
C ARG B 109 11.59 -20.28 22.24
N ARG B 110 12.75 -19.63 22.50
CA ARG B 110 13.31 -19.59 23.86
CA ARG B 110 13.26 -19.69 23.88
C ARG B 110 12.35 -18.94 24.88
N ARG B 111 11.56 -17.96 24.40
CA ARG B 111 10.54 -17.24 25.23
C ARG B 111 9.23 -18.03 25.38
N GLY B 112 9.09 -19.19 24.67
CA GLY B 112 7.96 -20.04 24.84
C GLY B 112 7.00 -20.04 23.64
N CYS B 113 7.45 -19.48 22.52
CA CYS B 113 6.58 -19.55 21.33
C CYS B 113 6.85 -20.87 20.55
N ASP B 114 5.82 -21.64 20.23
CA ASP B 114 5.98 -22.92 19.50
C ASP B 114 5.98 -22.54 18.03
N LEU B 115 7.06 -21.89 17.62
CA LEU B 115 7.14 -21.27 16.30
C LEU B 115 7.66 -22.32 15.30
N LYS B 116 6.97 -22.53 14.20
CA LYS B 116 7.37 -23.47 13.14
C LYS B 116 7.87 -22.66 11.97
N LEU B 117 8.94 -23.17 11.35
CA LEU B 117 9.56 -22.52 10.14
C LEU B 117 9.34 -23.44 8.92
N ILE B 118 9.54 -22.90 7.72
CA ILE B 118 9.38 -23.73 6.52
C ILE B 118 10.59 -23.56 5.65
N VAL B 119 10.89 -24.62 4.88
CA VAL B 119 11.99 -24.57 3.86
C VAL B 119 11.56 -25.31 2.61
N ASP B 120 12.34 -25.11 1.53
CA ASP B 120 12.12 -25.86 0.28
C ASP B 120 13.43 -26.18 -0.42
N SER B 121 14.54 -26.16 0.37
CA SER B 121 15.86 -26.37 -0.23
C SER B 121 16.77 -27.07 0.76
N VAL B 122 17.72 -27.82 0.18
CA VAL B 122 18.75 -28.46 1.06
C VAL B 122 19.56 -27.34 1.77
N ALA B 123 19.98 -26.29 1.04
CA ALA B 123 20.79 -25.25 1.69
C ALA B 123 20.08 -24.60 2.88
N ALA B 124 18.74 -24.31 2.76
CA ALA B 124 18.05 -23.68 3.89
C ALA B 124 17.98 -24.71 5.05
N ALA B 125 17.70 -25.99 4.72
CA ALA B 125 17.68 -27.02 5.76
C ALA B 125 19.03 -27.10 6.48
N GLN B 126 20.12 -27.11 5.71
CA GLN B 126 21.48 -27.22 6.29
C GLN B 126 21.67 -25.97 7.22
N ALA B 127 21.23 -24.76 6.83
CA ALA B 127 21.51 -23.57 7.68
C ALA B 127 20.75 -23.71 8.99
N ILE B 128 19.46 -24.16 8.93
CA ILE B 128 18.67 -24.29 10.15
C ILE B 128 19.35 -25.36 11.04
N ALA B 129 19.68 -26.54 10.49
CA ALA B 129 20.21 -27.60 11.33
C ALA B 129 21.55 -27.17 11.93
N ALA B 130 22.42 -26.52 11.18
CA ALA B 130 23.73 -26.14 11.77
C ALA B 130 23.48 -25.15 12.92
N PHE B 131 22.60 -24.16 12.70
CA PHE B 131 22.36 -23.18 13.77
C PHE B 131 21.70 -23.83 15.00
N GLY B 132 20.74 -24.75 14.75
CA GLY B 132 20.14 -25.45 15.83
C GLY B 132 21.15 -26.27 16.60
N ARG B 133 22.05 -27.02 15.90
CA ARG B 133 23.06 -27.76 16.67
C ARG B 133 23.93 -26.75 17.50
N GLU B 134 24.38 -25.66 16.88
CA GLU B 134 25.22 -24.66 17.60
C GLU B 134 24.54 -24.14 18.87
N GLN B 135 23.22 -23.88 18.74
CA GLN B 135 22.49 -23.21 19.82
C GLN B 135 21.76 -24.15 20.74
N GLY B 136 21.79 -25.46 20.45
CA GLY B 136 21.05 -26.45 21.28
C GLY B 136 19.52 -26.35 21.10
N GLU B 137 19.06 -26.13 19.85
CA GLU B 137 17.65 -25.94 19.59
C GLU B 137 17.21 -26.88 18.49
N ALA B 138 16.24 -27.76 18.78
CA ALA B 138 15.63 -28.63 17.80
C ALA B 138 14.46 -27.85 17.14
N PHE B 139 14.80 -26.97 16.19
CA PHE B 139 13.75 -26.22 15.45
C PHE B 139 12.75 -27.19 14.86
N GLU B 140 11.46 -26.78 14.82
CA GLU B 140 10.47 -27.54 14.06
C GLU B 140 10.39 -26.90 12.65
N VAL B 141 10.53 -27.72 11.61
CA VAL B 141 10.56 -27.23 10.26
C VAL B 141 9.65 -28.09 9.40
N TRP B 142 8.83 -27.40 8.59
CA TRP B 142 8.00 -28.09 7.57
C TRP B 142 8.56 -27.87 6.20
N ILE B 143 8.25 -28.75 5.27
CA ILE B 143 8.78 -28.62 3.90
C ILE B 143 7.64 -28.09 3.03
N GLU B 144 7.91 -27.00 2.32
CA GLU B 144 6.90 -26.37 1.43
C GLU B 144 6.85 -27.11 0.11
N ILE B 145 5.63 -27.42 -0.36
CA ILE B 145 5.39 -28.26 -1.55
C ILE B 145 4.71 -27.39 -2.60
N ASP B 146 5.21 -27.44 -3.84
CA ASP B 146 4.59 -26.77 -5.01
C ASP B 146 3.56 -27.79 -5.59
N THR B 147 2.26 -27.52 -5.40
CA THR B 147 1.21 -28.44 -5.93
C THR B 147 0.57 -27.83 -7.17
N ASP B 148 0.76 -26.50 -7.48
CA ASP B 148 0.01 -25.91 -8.59
C ASP B 148 0.81 -24.88 -9.42
N GLY B 149 2.13 -24.74 -9.19
CA GLY B 149 2.96 -23.85 -9.91
C GLY B 149 2.77 -22.38 -9.52
N HIS B 150 1.99 -22.08 -8.47
CA HIS B 150 1.70 -20.69 -8.06
C HIS B 150 2.96 -19.92 -7.74
N ARG B 151 3.93 -20.51 -6.97
CA ARG B 151 5.04 -19.70 -6.44
C ARG B 151 6.21 -20.61 -6.38
N SER B 152 6.49 -21.21 -5.27
CA SER B 152 7.69 -21.95 -5.17
C SER B 152 7.35 -23.26 -4.42
N GLY B 153 8.35 -24.03 -4.05
CA GLY B 153 8.10 -25.24 -3.24
C GLY B 153 8.74 -26.43 -3.93
N VAL B 154 8.96 -27.50 -3.14
CA VAL B 154 9.45 -28.74 -3.73
C VAL B 154 8.29 -29.37 -4.52
N GLY B 155 8.61 -29.89 -5.70
CA GLY B 155 7.50 -30.63 -6.42
C GLY B 155 7.00 -31.81 -5.62
N ALA B 156 5.67 -31.99 -5.61
CA ALA B 156 5.10 -33.10 -4.86
C ALA B 156 5.67 -34.44 -5.33
N ASP B 157 6.05 -34.53 -6.60
CA ASP B 157 6.58 -35.80 -7.10
C ASP B 157 8.13 -35.87 -7.06
N ASP B 158 8.81 -34.94 -6.39
CA ASP B 158 10.25 -34.90 -6.41
C ASP B 158 10.84 -35.64 -5.19
N THR B 159 10.64 -36.93 -5.14
CA THR B 159 11.07 -37.77 -4.02
C THR B 159 12.55 -37.49 -3.71
N PRO B 160 13.45 -37.45 -4.71
CA PRO B 160 14.85 -37.34 -4.27
C PRO B 160 15.11 -36.01 -3.46
N LEU B 161 14.51 -34.93 -3.91
CA LEU B 161 14.72 -33.65 -3.22
C LEU B 161 13.99 -33.61 -1.87
N LEU B 162 12.76 -34.16 -1.81
CA LEU B 162 12.02 -34.25 -0.52
C LEU B 162 12.91 -35.01 0.45
N LEU B 163 13.38 -36.21 0.06
CA LEU B 163 14.18 -37.02 1.01
C LEU B 163 15.42 -36.27 1.41
N ALA B 164 16.11 -35.62 0.40
CA ALA B 164 17.38 -34.93 0.77
C ALA B 164 17.11 -33.85 1.86
N ILE B 165 16.03 -33.08 1.66
CA ILE B 165 15.69 -32.03 2.63
C ILE B 165 15.19 -32.66 3.94
N GLY B 166 14.30 -33.66 3.85
CA GLY B 166 13.81 -34.26 5.10
C GLY B 166 14.94 -34.91 5.91
N ARG B 167 15.89 -35.64 5.25
CA ARG B 167 17.01 -36.21 5.96
C ARG B 167 17.92 -35.14 6.52
N THR B 168 18.18 -34.07 5.74
CA THR B 168 19.07 -33.02 6.29
C THR B 168 18.50 -32.54 7.66
N LEU B 169 17.18 -32.33 7.68
CA LEU B 169 16.55 -31.86 8.92
C LEU B 169 16.56 -32.94 10.02
N HIS B 170 16.15 -34.15 9.66
CA HIS B 170 15.98 -35.23 10.67
C HIS B 170 17.33 -35.71 11.20
N ASP B 171 18.30 -35.97 10.28
CA ASP B 171 19.64 -36.42 10.69
C ASP B 171 20.33 -35.30 11.44
N GLY B 172 19.97 -34.03 11.16
CA GLY B 172 20.57 -32.89 11.79
C GLY B 172 20.03 -32.59 13.14
N GLY B 173 19.08 -33.40 13.63
CA GLY B 173 18.45 -33.21 14.95
C GLY B 173 17.37 -32.20 15.06
N MET B 174 16.89 -31.76 13.89
CA MET B 174 15.71 -30.88 13.88
C MET B 174 14.45 -31.75 13.90
N ARG B 175 13.26 -31.12 14.11
CA ARG B 175 12.01 -31.85 14.16
C ARG B 175 11.39 -31.56 12.81
N LEU B 176 11.36 -32.56 11.95
CA LEU B 176 10.68 -32.46 10.62
C LEU B 176 9.16 -32.63 10.97
N GLY B 177 8.40 -31.54 10.90
CA GLY B 177 7.08 -31.53 11.51
C GLY B 177 5.95 -31.68 10.57
N GLY B 178 6.21 -31.60 9.26
CA GLY B 178 5.09 -31.69 8.34
C GLY B 178 5.49 -31.13 6.98
N VAL B 179 4.46 -31.11 6.09
CA VAL B 179 4.54 -30.49 4.74
C VAL B 179 3.38 -29.49 4.63
N LEU B 180 3.55 -28.46 3.81
CA LEU B 180 2.47 -27.53 3.58
C LEU B 180 2.49 -27.09 2.13
N THR B 181 1.32 -26.68 1.63
CA THR B 181 1.22 -26.14 0.29
C THR B 181 0.17 -25.01 0.31
N HIS B 182 0.29 -24.10 -0.67
CA HIS B 182 -0.73 -23.08 -0.88
C HIS B 182 -1.08 -23.03 -2.31
N ALA B 183 -2.31 -23.45 -2.68
CA ALA B 183 -2.62 -23.47 -4.12
C ALA B 183 -3.16 -22.11 -4.57
N GLY B 184 -2.30 -21.09 -4.57
CA GLY B 184 -2.71 -19.70 -4.88
C GLY B 184 -3.16 -19.49 -6.30
N SER B 185 -2.94 -20.49 -7.21
CA SER B 185 -3.47 -20.37 -8.57
C SER B 185 -5.00 -20.44 -8.54
N SER B 186 -5.60 -20.73 -7.39
CA SER B 186 -7.07 -20.76 -7.29
C SER B 186 -7.65 -19.33 -7.61
N TYR B 187 -6.83 -18.28 -7.43
CA TYR B 187 -7.30 -16.89 -7.64
C TYR B 187 -7.51 -16.60 -9.10
N GLU B 188 -7.05 -17.50 -10.00
CA GLU B 188 -7.26 -17.32 -11.42
C GLU B 188 -8.55 -18.00 -11.89
N LEU B 189 -9.27 -18.68 -11.01
CA LEU B 189 -10.44 -19.52 -11.38
C LEU B 189 -11.72 -18.75 -11.04
N ASP B 190 -12.82 -19.19 -11.60
CA ASP B 190 -14.11 -18.57 -11.37
C ASP B 190 -15.33 -19.45 -11.56
N THR B 191 -15.12 -20.78 -11.47
CA THR B 191 -16.22 -21.74 -11.51
C THR B 191 -16.08 -22.73 -10.35
N PRO B 192 -17.23 -23.23 -9.83
CA PRO B 192 -17.13 -24.21 -8.75
C PRO B 192 -16.39 -25.47 -9.17
N GLU B 193 -16.57 -25.91 -10.40
CA GLU B 193 -15.94 -27.17 -10.93
C GLU B 193 -14.43 -27.06 -10.94
N ALA B 194 -13.91 -25.92 -11.45
CA ALA B 194 -12.43 -25.73 -11.52
C ALA B 194 -11.85 -25.60 -10.12
N LEU B 195 -12.61 -24.96 -9.21
CA LEU B 195 -12.07 -24.75 -7.83
C LEU B 195 -12.03 -26.11 -7.08
N GLN B 196 -13.11 -26.93 -7.23
CA GLN B 196 -13.20 -28.22 -6.59
C GLN B 196 -12.03 -29.12 -7.12
N ALA B 197 -11.75 -29.09 -8.43
CA ALA B 197 -10.66 -29.87 -9.02
C ALA B 197 -9.31 -29.39 -8.53
N LEU B 198 -9.09 -28.07 -8.42
CA LEU B 198 -7.82 -27.56 -7.90
C LEU B 198 -7.65 -27.93 -6.44
N ALA B 199 -8.73 -27.85 -5.66
CA ALA B 199 -8.61 -28.16 -4.22
C ALA B 199 -8.15 -29.63 -4.14
N GLU B 200 -8.74 -30.50 -4.97
CA GLU B 200 -8.35 -31.96 -4.96
C GLU B 200 -6.84 -32.16 -5.38
N ARG B 201 -6.41 -31.39 -6.35
CA ARG B 201 -4.97 -31.43 -6.78
C ARG B 201 -4.08 -30.97 -5.63
N GLU B 202 -4.48 -29.87 -4.93
CA GLU B 202 -3.70 -29.38 -3.76
C GLU B 202 -3.62 -30.44 -2.65
N ARG B 203 -4.80 -31.05 -2.31
CA ARG B 203 -4.86 -32.10 -1.23
C ARG B 203 -3.99 -33.25 -1.69
N ALA B 204 -4.23 -33.73 -2.90
CA ALA B 204 -3.54 -34.98 -3.38
C ALA B 204 -2.02 -34.76 -3.42
N GLY B 205 -1.56 -33.57 -3.84
CA GLY B 205 -0.13 -33.31 -3.98
C GLY B 205 0.49 -33.18 -2.61
N CYS B 206 -0.13 -32.48 -1.64
CA CYS B 206 0.56 -32.32 -0.35
C CYS B 206 0.60 -33.70 0.37
N VAL B 207 -0.51 -34.50 0.28
CA VAL B 207 -0.54 -35.82 0.90
C VAL B 207 0.52 -36.71 0.21
N GLN B 208 0.62 -36.60 -1.09
CA GLN B 208 1.68 -37.38 -1.89
C GLN B 208 3.07 -37.11 -1.32
N ALA B 209 3.38 -35.80 -1.10
CA ALA B 209 4.70 -35.49 -0.56
C ALA B 209 4.85 -36.15 0.81
N ALA B 210 3.80 -36.01 1.69
CA ALA B 210 3.93 -36.52 3.09
C ALA B 210 4.16 -38.06 2.97
N GLU B 211 3.39 -38.68 2.07
CA GLU B 211 3.50 -40.15 1.96
C GLU B 211 4.87 -40.62 1.48
N ALA B 212 5.51 -39.81 0.61
CA ALA B 212 6.90 -40.11 0.14
C ALA B 212 7.88 -40.00 1.31
N LEU B 213 7.79 -38.88 2.09
CA LEU B 213 8.67 -38.79 3.28
C LEU B 213 8.50 -40.00 4.21
N ARG B 214 7.21 -40.28 4.52
CA ARG B 214 6.97 -41.36 5.52
C ARG B 214 7.41 -42.74 4.94
N ALA B 215 7.31 -42.92 3.64
CA ALA B 215 7.73 -44.20 3.02
C ALA B 215 9.29 -44.36 3.24
N ALA B 216 10.02 -43.25 3.35
CA ALA B 216 11.49 -43.24 3.61
C ALA B 216 11.81 -43.30 5.07
N GLY B 217 10.80 -43.47 5.94
CA GLY B 217 11.06 -43.58 7.39
C GLY B 217 11.16 -42.26 8.10
N LEU B 218 10.79 -41.17 7.38
CA LEU B 218 10.92 -39.80 7.99
C LEU B 218 9.56 -39.41 8.62
N PRO B 219 9.58 -38.68 9.77
CA PRO B 219 8.30 -38.24 10.32
C PRO B 219 7.68 -37.19 9.42
N CYS B 220 6.35 -37.13 9.34
CA CYS B 220 5.70 -36.01 8.68
C CYS B 220 4.28 -35.98 9.22
N PRO B 221 4.16 -35.53 10.52
CA PRO B 221 2.78 -35.73 11.11
C PRO B 221 1.72 -34.70 10.61
N VAL B 222 2.16 -33.50 10.22
CA VAL B 222 1.21 -32.53 9.75
C VAL B 222 1.20 -32.43 8.22
N VAL B 223 -0.01 -32.34 7.69
CA VAL B 223 -0.27 -32.07 6.25
C VAL B 223 -1.12 -30.82 6.26
N SER B 224 -0.59 -29.70 5.71
CA SER B 224 -1.32 -28.38 5.82
C SER B 224 -1.52 -27.85 4.42
N VAL B 225 -2.77 -27.58 4.04
CA VAL B 225 -3.07 -27.00 2.71
C VAL B 225 -3.81 -25.69 2.88
N GLY B 226 -3.97 -24.95 1.79
CA GLY B 226 -5.05 -23.95 1.80
C GLY B 226 -4.81 -22.71 1.00
N SER B 227 -5.93 -22.23 0.44
CA SER B 227 -6.17 -20.85 0.01
C SER B 227 -7.67 -20.67 0.37
N THR B 228 -8.16 -19.46 0.45
CA THR B 228 -9.57 -19.30 0.78
C THR B 228 -10.47 -20.01 -0.24
N PRO B 229 -10.21 -19.82 -1.53
CA PRO B 229 -11.16 -20.50 -2.48
C PRO B 229 -11.10 -22.02 -2.42
N THR B 230 -9.89 -22.61 -2.25
CA THR B 230 -9.83 -24.09 -2.22
C THR B 230 -10.32 -24.61 -0.86
N ALA B 231 -10.16 -23.82 0.22
CA ALA B 231 -10.72 -24.24 1.53
C ALA B 231 -12.24 -24.39 1.43
N LEU B 232 -12.86 -23.41 0.74
CA LEU B 232 -14.34 -23.39 0.61
C LEU B 232 -14.88 -24.37 -0.46
N ALA B 233 -13.99 -24.85 -1.32
CA ALA B 233 -14.44 -25.68 -2.42
C ALA B 233 -14.09 -27.15 -2.28
N ALA B 234 -13.16 -27.51 -1.35
CA ALA B 234 -12.71 -28.88 -1.34
C ALA B 234 -13.91 -29.83 -1.03
N SER B 235 -14.10 -30.92 -1.83
CA SER B 235 -15.14 -31.97 -1.50
C SER B 235 -14.67 -32.78 -0.34
N ARG B 236 -13.40 -33.16 -0.35
CA ARG B 236 -12.89 -34.07 0.67
CA ARG B 236 -12.89 -34.02 0.73
C ARG B 236 -11.46 -33.59 1.05
N LEU B 237 -11.05 -33.87 2.28
CA LEU B 237 -9.71 -33.53 2.74
C LEU B 237 -8.94 -34.71 3.39
N ASP B 238 -9.23 -35.94 2.91
CA ASP B 238 -8.54 -37.09 3.45
C ASP B 238 -7.00 -36.87 3.47
N GLY B 239 -6.34 -37.18 4.59
CA GLY B 239 -4.91 -37.08 4.67
C GLY B 239 -4.43 -35.73 5.12
N VAL B 240 -5.34 -34.76 5.12
CA VAL B 240 -4.98 -33.36 5.55
C VAL B 240 -5.19 -33.17 7.07
N THR B 241 -4.29 -32.50 7.78
CA THR B 241 -4.50 -32.29 9.23
C THR B 241 -5.06 -30.91 9.49
N GLU B 242 -4.65 -29.91 8.72
CA GLU B 242 -5.17 -28.54 8.91
C GLU B 242 -5.31 -27.84 7.56
N VAL B 243 -6.12 -26.79 7.57
CA VAL B 243 -6.26 -25.89 6.40
C VAL B 243 -5.90 -24.50 6.92
N ARG B 244 -5.17 -23.77 6.06
CA ARG B 244 -4.80 -22.39 6.29
C ARG B 244 -5.67 -21.54 5.36
N ALA B 245 -6.36 -20.57 5.91
CA ALA B 245 -7.07 -19.63 5.02
C ALA B 245 -7.04 -18.30 5.79
N GLY B 246 -7.03 -17.21 5.04
CA GLY B 246 -6.98 -15.90 5.74
C GLY B 246 -7.87 -14.82 5.17
N VAL B 247 -7.93 -14.62 3.85
CA VAL B 247 -8.69 -13.46 3.32
C VAL B 247 -10.19 -13.60 3.62
N TYR B 248 -10.64 -14.83 3.80
CA TYR B 248 -12.05 -15.12 4.12
C TYR B 248 -12.58 -14.29 5.28
N VAL B 249 -11.76 -13.92 6.25
CA VAL B 249 -12.22 -13.27 7.42
C VAL B 249 -13.03 -12.02 7.00
N PHE B 250 -12.55 -11.34 5.93
CA PHE B 250 -13.26 -10.17 5.42
C PHE B 250 -13.89 -10.35 4.08
N PHE B 251 -13.33 -11.26 3.25
CA PHE B 251 -13.63 -11.30 1.83
C PHE B 251 -13.32 -9.94 1.12
N ASP B 252 -13.48 -9.97 -0.20
CA ASP B 252 -13.20 -8.84 -1.04
C ASP B 252 -13.75 -9.06 -2.42
N LEU B 253 -13.58 -8.09 -3.31
CA LEU B 253 -14.18 -8.25 -4.64
C LEU B 253 -13.48 -9.28 -5.55
N VAL B 254 -12.16 -9.48 -5.35
CA VAL B 254 -11.47 -10.58 -6.05
C VAL B 254 -12.16 -11.90 -5.63
N MET B 255 -12.42 -12.13 -4.35
CA MET B 255 -13.11 -13.38 -3.90
CA MET B 255 -13.08 -13.35 -3.87
C MET B 255 -14.51 -13.45 -4.45
N ARG B 256 -15.22 -12.31 -4.51
CA ARG B 256 -16.58 -12.24 -5.08
C ARG B 256 -16.54 -12.75 -6.53
N ASN B 257 -15.55 -12.24 -7.29
CA ASN B 257 -15.40 -12.64 -8.68
C ASN B 257 -15.01 -14.12 -8.87
N ILE B 258 -14.24 -14.64 -7.94
CA ILE B 258 -13.84 -16.04 -8.01
C ILE B 258 -15.12 -16.88 -7.81
N GLY B 259 -16.05 -16.40 -6.99
CA GLY B 259 -17.38 -16.99 -6.85
C GLY B 259 -17.58 -17.57 -5.48
N VAL B 260 -16.66 -17.33 -4.54
CA VAL B 260 -16.79 -17.96 -3.25
C VAL B 260 -17.45 -17.07 -2.21
N CYS B 261 -17.84 -15.84 -2.61
CA CYS B 261 -18.66 -15.06 -1.70
C CYS B 261 -19.47 -14.12 -2.62
N ALA B 262 -20.38 -13.38 -1.98
CA ALA B 262 -21.13 -12.29 -2.65
C ALA B 262 -20.54 -10.97 -2.15
N ALA B 263 -20.80 -9.87 -2.86
CA ALA B 263 -20.40 -8.52 -2.39
C ALA B 263 -20.97 -8.24 -0.97
N GLU B 264 -22.18 -8.74 -0.64
CA GLU B 264 -22.78 -8.59 0.65
C GLU B 264 -22.08 -9.35 1.76
N ASP B 265 -21.13 -10.28 1.41
CA ASP B 265 -20.33 -10.90 2.47
C ASP B 265 -19.05 -10.13 2.81
N VAL B 266 -18.73 -9.07 2.07
CA VAL B 266 -17.47 -8.35 2.22
C VAL B 266 -17.54 -7.49 3.47
N ALA B 267 -16.73 -7.84 4.48
CA ALA B 267 -16.81 -7.22 5.78
C ALA B 267 -16.00 -5.91 5.91
N LEU B 268 -15.07 -5.71 5.02
CA LEU B 268 -14.14 -4.56 5.08
C LEU B 268 -14.58 -3.56 4.03
N SER B 269 -14.72 -2.28 4.44
CA SER B 269 -14.99 -1.28 3.45
C SER B 269 -14.18 -0.03 3.87
N VAL B 270 -14.00 0.90 2.91
CA VAL B 270 -13.29 2.15 3.27
C VAL B 270 -14.35 3.26 3.23
N LEU B 271 -14.48 3.92 4.37
CA LEU B 271 -15.41 5.08 4.56
C LEU B 271 -14.72 6.29 3.90
N ALA B 272 -15.40 7.02 2.99
CA ALA B 272 -14.79 8.12 2.25
C ALA B 272 -15.76 9.26 2.23
N THR B 273 -15.27 10.44 2.01
CA THR B 273 -16.11 11.61 1.85
C THR B 273 -15.99 12.18 0.42
N VAL B 274 -17.13 12.66 -0.16
CA VAL B 274 -17.09 13.39 -1.41
C VAL B 274 -16.54 14.80 -1.18
N ILE B 275 -15.43 15.14 -1.84
CA ILE B 275 -14.77 16.42 -1.69
C ILE B 275 -14.79 17.33 -2.94
N GLY B 276 -15.40 16.86 -4.02
CA GLY B 276 -15.47 17.66 -5.24
C GLY B 276 -16.13 16.90 -6.35
N HIS B 277 -16.22 17.57 -7.51
CA HIS B 277 -16.79 17.02 -8.74
C HIS B 277 -16.07 17.51 -9.97
N GLN B 278 -16.23 16.77 -11.08
CA GLN B 278 -16.07 17.32 -12.47
C GLN B 278 -17.37 17.01 -13.16
N ALA B 279 -18.31 17.95 -13.09
CA ALA B 279 -19.71 17.64 -13.45
C ALA B 279 -19.84 17.24 -14.90
N ASP B 280 -19.04 17.86 -15.76
CA ASP B 280 -19.20 17.51 -17.21
C ASP B 280 -18.69 16.08 -17.59
N LYS B 281 -17.82 15.50 -16.76
CA LYS B 281 -17.30 14.18 -16.99
C LYS B 281 -18.07 13.18 -16.15
N GLY B 282 -19.01 13.65 -15.32
CA GLY B 282 -19.79 12.73 -14.46
C GLY B 282 -18.91 12.20 -13.30
N TRP B 283 -17.91 12.98 -12.82
CA TRP B 283 -17.03 12.51 -11.73
C TRP B 283 -17.38 13.07 -10.40
N ALA B 284 -17.40 12.22 -9.35
CA ALA B 284 -17.35 12.72 -7.97
C ALA B 284 -15.92 12.40 -7.51
N ILE B 285 -15.31 13.34 -6.80
CA ILE B 285 -13.97 13.16 -6.25
C ILE B 285 -14.12 12.81 -4.78
N VAL B 286 -13.45 11.74 -4.30
CA VAL B 286 -13.56 11.34 -2.91
C VAL B 286 -12.17 11.38 -2.30
N ASP B 287 -12.12 11.42 -0.97
CA ASP B 287 -10.81 11.46 -0.23
C ASP B 287 -10.21 10.08 0.01
N ALA B 288 -10.73 9.05 -0.64
CA ALA B 288 -10.07 7.71 -0.70
C ALA B 288 -9.38 7.54 -2.04
N GLY B 289 -8.07 7.80 -2.07
CA GLY B 289 -7.25 7.53 -3.25
C GLY B 289 -6.55 6.17 -3.07
N TRP B 290 -5.49 5.91 -3.85
CA TRP B 290 -4.80 4.60 -3.71
C TRP B 290 -4.07 4.55 -2.38
N MET B 291 -3.79 5.68 -1.71
CA MET B 291 -3.19 5.49 -0.35
C MET B 291 -4.21 4.81 0.59
N ALA B 292 -5.50 5.07 0.43
CA ALA B 292 -6.50 4.35 1.22
C ALA B 292 -6.81 2.97 0.63
N MET B 293 -7.08 2.90 -0.68
CA MET B 293 -7.53 1.60 -1.22
C MET B 293 -6.37 0.61 -1.45
N SER B 294 -5.14 1.13 -1.54
CA SER B 294 -4.02 0.42 -2.13
C SER B 294 -4.06 0.50 -3.67
N ARG B 295 -2.92 0.21 -4.30
CA ARG B 295 -2.88 0.16 -5.75
C ARG B 295 -3.42 -1.21 -6.31
N ASP B 296 -3.93 -2.12 -5.44
CA ASP B 296 -4.30 -3.46 -5.93
C ASP B 296 -5.46 -3.29 -6.96
N ARG B 297 -5.30 -3.93 -8.14
CA ARG B 297 -6.32 -3.87 -9.20
C ARG B 297 -6.59 -5.34 -9.61
N GLY B 298 -6.67 -6.27 -8.63
CA GLY B 298 -6.86 -7.69 -8.99
C GLY B 298 -8.14 -7.94 -9.73
N THR B 299 -9.20 -7.12 -9.59
CA THR B 299 -10.42 -7.34 -10.38
C THR B 299 -10.28 -6.96 -11.87
N ALA B 300 -9.19 -6.27 -12.24
CA ALA B 300 -9.02 -5.76 -13.64
C ALA B 300 -9.10 -6.91 -14.65
N ARG B 301 -8.66 -8.08 -14.28
CA ARG B 301 -8.67 -9.12 -15.33
C ARG B 301 -9.72 -10.21 -15.09
N GLN B 302 -10.57 -9.99 -14.10
CA GLN B 302 -11.62 -10.88 -13.80
C GLN B 302 -12.88 -10.55 -14.64
N LYS B 303 -13.99 -11.30 -14.42
CA LYS B 303 -15.23 -11.11 -15.20
C LYS B 303 -15.83 -9.74 -14.99
N GLN B 304 -15.59 -9.09 -13.86
CA GLN B 304 -16.18 -7.79 -13.58
C GLN B 304 -15.07 -6.91 -12.97
N ASP B 305 -14.67 -5.87 -13.69
CA ASP B 305 -13.64 -4.95 -13.18
C ASP B 305 -14.29 -3.92 -12.28
N PHE B 306 -13.85 -3.83 -11.02
CA PHE B 306 -14.42 -2.85 -10.07
C PHE B 306 -13.55 -1.60 -9.92
N GLY B 307 -12.59 -1.39 -10.80
CA GLY B 307 -11.63 -0.23 -10.70
C GLY B 307 -10.94 -0.29 -9.35
N TYR B 308 -10.88 0.86 -8.63
CA TYR B 308 -10.32 0.90 -7.27
C TYR B 308 -11.35 0.64 -6.20
N GLY B 309 -12.57 0.14 -6.58
CA GLY B 309 -13.46 -0.35 -5.55
C GLY B 309 -14.91 -0.09 -5.91
N GLN B 310 -15.79 -0.93 -5.37
CA GLN B 310 -17.24 -0.78 -5.56
C GLN B 310 -17.81 0.20 -4.57
N VAL B 311 -18.61 1.17 -5.10
CA VAL B 311 -19.18 2.24 -4.21
C VAL B 311 -20.38 1.68 -3.48
N CYS B 312 -20.53 1.93 -2.19
CA CYS B 312 -21.69 1.57 -1.40
C CYS B 312 -22.13 2.85 -0.72
N ASP B 313 -23.38 2.91 -0.30
CA ASP B 313 -23.86 4.05 0.47
C ASP B 313 -23.36 3.91 1.89
N LEU B 314 -23.69 4.91 2.71
CA LEU B 314 -23.25 4.94 4.12
C LEU B 314 -23.73 3.72 4.89
N GLN B 315 -24.87 3.13 4.52
CA GLN B 315 -25.40 1.95 5.22
C GLN B 315 -24.73 0.67 4.70
N GLY B 316 -23.81 0.85 3.75
CA GLY B 316 -22.97 -0.27 3.31
C GLY B 316 -23.58 -1.08 2.16
N ARG B 317 -24.69 -0.61 1.59
CA ARG B 317 -25.33 -1.29 0.48
C ARG B 317 -24.72 -0.86 -0.85
N VAL B 318 -24.44 -1.82 -1.70
CA VAL B 318 -23.91 -1.52 -3.03
C VAL B 318 -24.74 -0.51 -3.82
N MET B 319 -24.04 0.42 -4.51
CA MET B 319 -24.69 1.33 -5.46
C MET B 319 -24.31 0.86 -6.85
N PRO B 320 -25.18 0.02 -7.47
CA PRO B 320 -24.76 -0.61 -8.74
C PRO B 320 -24.30 0.37 -9.81
N GLY B 321 -23.23 0.00 -10.49
CA GLY B 321 -22.74 0.78 -11.68
C GLY B 321 -21.81 1.95 -11.32
N PHE B 322 -21.61 2.26 -10.02
CA PHE B 322 -20.58 3.25 -9.62
C PHE B 322 -19.40 2.58 -8.97
N VAL B 323 -18.23 2.92 -9.48
CA VAL B 323 -16.97 2.38 -8.91
C VAL B 323 -15.97 3.53 -8.84
N LEU B 324 -14.84 3.34 -8.16
CA LEU B 324 -13.77 4.29 -8.29
C LEU B 324 -13.03 3.92 -9.58
N THR B 325 -13.23 4.72 -10.63
CA THR B 325 -12.62 4.42 -11.91
C THR B 325 -11.12 4.82 -11.96
N GLY B 326 -10.68 5.72 -11.06
CA GLY B 326 -9.26 6.10 -11.05
C GLY B 326 -8.88 6.48 -9.63
N ALA B 327 -7.56 6.62 -9.43
CA ALA B 327 -7.11 7.00 -8.10
C ALA B 327 -5.76 7.61 -8.19
N ASN B 328 -5.58 8.74 -7.51
CA ASN B 328 -4.27 9.27 -7.23
CA ASN B 328 -4.28 9.31 -7.23
C ASN B 328 -4.02 9.08 -5.72
N GLN B 329 -2.92 9.66 -5.17
CA GLN B 329 -2.56 9.24 -3.82
C GLN B 329 -3.70 9.46 -2.80
N GLU B 330 -4.27 10.72 -2.76
CA GLU B 330 -5.31 11.02 -1.74
C GLU B 330 -6.62 11.46 -2.42
N HIS B 331 -6.78 11.18 -3.72
CA HIS B 331 -8.02 11.52 -4.43
C HIS B 331 -8.47 10.29 -5.15
N GLY B 332 -9.72 9.90 -4.97
CA GLY B 332 -10.34 8.83 -5.79
C GLY B 332 -11.34 9.46 -6.75
N ILE B 333 -11.48 8.85 -7.94
CA ILE B 333 -12.38 9.38 -8.99
C ILE B 333 -13.53 8.39 -9.00
N LEU B 334 -14.70 8.81 -8.57
CA LEU B 334 -15.92 8.03 -8.55
C LEU B 334 -16.72 8.32 -9.85
N ALA B 335 -17.05 7.28 -10.62
CA ALA B 335 -17.74 7.51 -11.95
C ALA B 335 -18.47 6.22 -12.34
N ARG B 336 -19.25 6.25 -13.40
CA ARG B 336 -19.91 5.04 -13.83
C ARG B 336 -18.90 4.01 -14.38
N ALA B 337 -19.05 2.75 -13.93
CA ALA B 337 -18.23 1.61 -14.45
C ALA B 337 -18.41 1.48 -15.95
N ASP B 338 -19.61 1.77 -16.43
CA ASP B 338 -19.91 1.61 -17.88
C ASP B 338 -19.31 2.68 -18.81
N GLY B 339 -18.70 3.71 -18.22
CA GLY B 339 -18.03 4.72 -18.98
C GLY B 339 -18.96 5.85 -19.43
N ALA B 340 -20.27 5.79 -19.15
CA ALA B 340 -21.14 7.00 -19.35
C ALA B 340 -20.76 8.13 -18.39
N ALA B 341 -21.02 9.39 -18.76
CA ALA B 341 -20.85 10.50 -17.81
C ALA B 341 -22.19 10.62 -17.13
N GLU B 342 -22.29 10.33 -15.82
CA GLU B 342 -23.54 10.47 -15.08
C GLU B 342 -23.96 11.96 -15.22
N ALA B 343 -25.25 12.22 -15.50
CA ALA B 343 -25.77 13.58 -15.50
C ALA B 343 -25.95 14.08 -14.01
N ASP B 344 -25.78 15.36 -13.70
CA ASP B 344 -26.11 15.79 -12.30
C ASP B 344 -25.34 14.96 -11.21
N ILE B 345 -24.08 14.65 -11.48
CA ILE B 345 -23.25 13.87 -10.52
C ILE B 345 -23.24 14.52 -9.11
N ALA B 346 -23.31 15.86 -9.06
CA ALA B 346 -23.29 16.61 -7.76
C ALA B 346 -24.61 16.41 -6.98
N THR B 347 -25.71 16.15 -7.69
CA THR B 347 -26.99 15.77 -7.06
C THR B 347 -26.97 14.34 -6.56
N ARG B 348 -26.39 13.46 -7.36
CA ARG B 348 -26.25 12.04 -7.00
C ARG B 348 -25.33 11.87 -5.78
N PHE B 349 -24.27 12.66 -5.77
CA PHE B 349 -23.23 12.55 -4.73
C PHE B 349 -22.86 13.94 -4.20
N PRO B 350 -23.70 14.54 -3.33
CA PRO B 350 -23.40 15.90 -2.82
C PRO B 350 -22.08 16.07 -2.04
N LEU B 351 -21.37 17.20 -2.24
CA LEU B 351 -20.24 17.53 -1.40
C LEU B 351 -20.51 17.14 0.07
N GLY B 352 -19.57 16.41 0.71
CA GLY B 352 -19.71 16.04 2.14
C GLY B 352 -20.38 14.72 2.31
N THR B 353 -20.95 14.13 1.22
CA THR B 353 -21.63 12.79 1.32
C THR B 353 -20.61 11.73 1.76
N ARG B 354 -20.99 10.81 2.66
CA ARG B 354 -20.08 9.71 3.03
C ARG B 354 -20.51 8.46 2.30
N LEU B 355 -19.52 7.73 1.82
CA LEU B 355 -19.72 6.49 1.04
C LEU B 355 -18.80 5.44 1.64
N ARG B 356 -19.04 4.19 1.30
CA ARG B 356 -18.13 3.09 1.68
C ARG B 356 -17.67 2.33 0.46
N ILE B 357 -16.37 2.07 0.35
CA ILE B 357 -15.85 1.48 -0.87
C ILE B 357 -15.40 0.05 -0.58
N LEU B 358 -15.94 -0.91 -1.34
CA LEU B 358 -15.48 -2.28 -1.12
C LEU B 358 -14.16 -2.49 -1.87
N PRO B 359 -13.18 -3.15 -1.21
CA PRO B 359 -11.83 -3.28 -1.78
C PRO B 359 -11.67 -4.40 -2.82
N ASN B 360 -10.72 -4.24 -3.76
CA ASN B 360 -10.32 -5.34 -4.61
C ASN B 360 -9.74 -6.49 -3.69
N HIS B 361 -8.80 -6.17 -2.83
CA HIS B 361 -8.02 -7.16 -2.17
C HIS B 361 -7.92 -6.78 -0.73
N ALA B 362 -8.64 -7.48 0.18
CA ALA B 362 -8.73 -7.08 1.58
C ALA B 362 -7.33 -6.94 2.23
N CYS B 363 -6.42 -7.87 1.95
CA CYS B 363 -5.10 -7.89 2.59
C CYS B 363 -4.35 -6.57 2.22
N ALA B 364 -4.50 -6.13 0.94
CA ALA B 364 -3.75 -4.95 0.43
C ALA B 364 -4.37 -3.68 1.00
N THR B 365 -5.73 -3.59 0.97
CA THR B 365 -6.39 -2.35 1.51
C THR B 365 -6.10 -2.26 3.00
N GLY B 366 -6.25 -3.35 3.76
CA GLY B 366 -6.10 -3.27 5.21
C GLY B 366 -4.73 -2.74 5.63
N ALA B 367 -3.70 -3.10 4.87
CA ALA B 367 -2.34 -2.75 5.22
C ALA B 367 -2.07 -1.24 5.09
N GLN B 368 -2.98 -0.52 4.41
CA GLN B 368 -2.81 0.95 4.30
CA GLN B 368 -2.85 0.96 4.26
C GLN B 368 -3.21 1.70 5.57
N PHE B 369 -3.80 0.98 6.54
CA PHE B 369 -4.37 1.66 7.74
C PHE B 369 -3.60 1.26 8.99
N PRO B 370 -3.34 2.24 9.90
CA PRO B 370 -2.77 1.89 11.23
C PRO B 370 -3.76 1.03 12.04
N ALA B 371 -5.07 1.18 11.78
CA ALA B 371 -6.10 0.51 12.60
C ALA B 371 -7.35 0.40 11.81
N TYR B 372 -8.20 -0.54 12.20
CA TYR B 372 -9.57 -0.61 11.68
C TYR B 372 -10.51 0.05 12.69
N GLN B 373 -11.70 0.38 12.16
CA GLN B 373 -12.82 0.87 13.00
C GLN B 373 -13.80 -0.31 12.98
N ALA B 374 -13.90 -1.00 14.12
CA ALA B 374 -14.76 -2.21 14.23
C ALA B 374 -16.17 -1.75 14.57
N LEU B 375 -17.07 -1.92 13.62
CA LEU B 375 -18.45 -1.43 13.66
C LEU B 375 -19.39 -2.45 14.25
N ALA B 376 -20.00 -2.13 15.40
CA ALA B 376 -20.99 -2.96 16.03
C ALA B 376 -22.42 -2.69 15.46
N ALA B 377 -23.38 -3.57 15.73
CA ALA B 377 -24.75 -3.50 15.22
C ALA B 377 -25.39 -2.20 15.68
N ASP B 378 -24.98 -1.68 16.85
CA ASP B 378 -25.58 -0.41 17.37
C ASP B 378 -25.07 0.90 16.68
N GLY B 379 -24.13 0.74 15.74
CA GLY B 379 -23.54 1.86 14.98
C GLY B 379 -22.28 2.44 15.58
N SER B 380 -21.92 2.00 16.81
CA SER B 380 -20.70 2.36 17.53
C SER B 380 -19.48 1.78 16.80
N VAL B 381 -18.33 2.47 16.81
CA VAL B 381 -17.09 1.88 16.35
C VAL B 381 -16.05 1.84 17.47
N GLN B 382 -15.08 0.92 17.32
CA GLN B 382 -13.98 0.83 18.30
C GLN B 382 -12.71 0.74 17.47
N THR B 383 -11.57 1.33 17.92
CA THR B 383 -10.36 1.31 17.11
C THR B 383 -9.65 -0.03 17.37
N TRP B 384 -9.37 -0.79 16.33
CA TRP B 384 -8.64 -2.08 16.43
C TRP B 384 -7.34 -1.91 15.68
N GLU B 385 -6.24 -1.77 16.42
CA GLU B 385 -4.91 -1.52 15.84
C GLU B 385 -4.50 -2.74 14.99
N ARG B 386 -3.66 -2.50 14.01
CA ARG B 386 -3.09 -3.64 13.25
C ARG B 386 -1.64 -3.32 13.03
N LEU B 387 -0.85 -4.31 12.61
CA LEU B 387 0.61 -4.12 12.50
C LEU B 387 0.97 -3.57 11.08
N HIS B 388 1.99 -2.73 11.05
CA HIS B 388 2.59 -2.17 9.82
C HIS B 388 4.09 -2.42 9.85
N GLY B 389 4.62 -2.95 8.73
CA GLY B 389 6.04 -3.11 8.58
C GLY B 389 6.57 -4.47 9.03
N TRP B 390 7.82 -4.53 9.40
CA TRP B 390 8.53 -5.81 9.67
C TRP B 390 9.27 -5.76 10.98
#